data_6Z9W
#
_entry.id   6Z9W
#
_cell.length_a   59.725
_cell.length_b   69.208
_cell.length_c   88.617
_cell.angle_alpha   90.000
_cell.angle_beta   90.000
_cell.angle_gamma   90.000
#
_symmetry.space_group_name_H-M   'P 1 21 1'
#
loop_
_entity.id
_entity.type
_entity.pdbx_description
1 polymer 'MHC class I antigen'
2 polymer Beta-2-microglobulin
3 polymer LEU-LEU-GLY-TRP-VAL-PHE-ALA-GLN-VAL
4 water water
#
loop_
_entity_poly.entity_id
_entity_poly.type
_entity_poly.pdbx_seq_one_letter_code
_entity_poly.pdbx_strand_id
1 'polypeptide(L)'
;GSHSMRYFFTSVSRPGRGEPRFIAVGYVDDTQFVRFDSDAASQRMEPRAPWIEQEGPEYWDGETRKVKAHSQTHRVDLGT
LRGYYNQSEAGSHTVQRMYGCDVGSDWRFLRGYHQYAYDGKDYIALKEDLRSWTAADMAAQTTKHKWEAAHVAEQLRAYL
EGTCVEWLRRYLENGKETLQRTDAPKTHMTHHAVSDHEATLRCWALSFYPAEITLTWQRDGEDQTQDTELVETRPAGDGT
FQKWAAVVVPSGQEQRYTCHVQHEGLPKPLTLRWE
;
A,D
2 'polypeptide(L)'
;MIQRTPKIQVYSRHPAENGKSNFLNCYVSGFHPSDIEVDLLKNGERIEKVEHSDLSFSKDWSFYLLYYTEFTPTEKDEYA
CRVNHVTLSQPKIVKWDRDM
;
B,E
3 'polypeptide(L)' LLGWVFAQV C,F
#
# COMPACT_ATOMS: atom_id res chain seq x y z
N GLY A 1 24.53 -15.82 27.07
CA GLY A 1 24.87 -15.16 25.78
C GLY A 1 25.39 -13.76 26.00
N SER A 2 25.39 -12.95 24.93
CA SER A 2 25.52 -11.47 24.99
C SER A 2 24.30 -10.91 25.74
N HIS A 3 24.36 -9.64 26.15
CA HIS A 3 23.20 -8.89 26.71
C HIS A 3 23.34 -7.40 26.44
N SER A 4 22.24 -6.63 26.53
CA SER A 4 22.32 -5.18 26.41
C SER A 4 21.36 -4.51 27.40
N MET A 5 21.72 -3.28 27.82
CA MET A 5 20.81 -2.29 28.48
C MET A 5 20.69 -1.07 27.57
N ARG A 6 19.46 -0.51 27.44
CA ARG A 6 19.13 0.53 26.44
C ARG A 6 17.92 1.38 26.90
N TYR A 7 18.17 2.67 27.04
CA TYR A 7 17.16 3.66 27.41
C TYR A 7 16.64 4.34 26.12
N PHE A 8 15.32 4.34 25.90
CA PHE A 8 14.63 5.00 24.75
C PHE A 8 13.79 6.16 25.24
N PHE A 9 14.02 7.33 24.66
CA PHE A 9 13.35 8.61 25.09
C PHE A 9 12.59 9.21 23.91
N THR A 10 11.35 9.60 24.13
CA THR A 10 10.41 10.08 23.06
C THR A 10 9.76 11.37 23.54
N SER A 11 10.07 12.51 22.91
CA SER A 11 9.49 13.85 23.25
C SER A 11 8.71 14.45 22.04
N VAL A 12 7.47 14.92 22.25
CA VAL A 12 6.49 15.23 21.18
C VAL A 12 5.77 16.54 21.56
N SER A 13 5.91 17.56 20.75
CA SER A 13 5.46 18.93 21.08
C SER A 13 3.98 19.07 20.71
N ARG A 14 3.24 19.72 21.58
CA ARG A 14 1.81 20.05 21.37
C ARG A 14 1.73 21.56 21.30
N PRO A 15 2.24 22.16 20.21
CA PRO A 15 2.70 23.56 20.17
C PRO A 15 2.29 24.52 21.32
N GLY A 16 0.98 24.78 21.50
CA GLY A 16 0.47 25.66 22.59
C GLY A 16 -0.73 25.00 23.26
N ARG A 17 -0.61 23.70 23.51
CA ARG A 17 -1.67 22.83 24.08
C ARG A 17 -0.98 22.02 25.19
N GLY A 18 -0.24 22.74 26.05
CA GLY A 18 0.58 22.15 27.13
C GLY A 18 2.03 22.09 26.71
N GLU A 19 2.81 21.26 27.42
CA GLU A 19 4.26 21.00 27.21
C GLU A 19 4.48 19.57 26.72
N PRO A 20 5.61 19.29 26.03
CA PRO A 20 5.71 18.16 25.14
C PRO A 20 5.42 16.87 25.91
N ARG A 21 4.69 15.95 25.30
CA ARG A 21 4.57 14.57 25.85
C ARG A 21 5.99 13.90 25.81
N PHE A 22 6.55 13.59 26.97
CA PHE A 22 7.88 12.97 27.14
C PHE A 22 7.69 11.56 27.69
N ILE A 23 8.23 10.56 27.01
CA ILE A 23 8.14 9.14 27.46
C ILE A 23 9.51 8.48 27.37
N ALA A 24 9.87 7.83 28.46
CA ALA A 24 11.19 7.19 28.65
C ALA A 24 10.94 5.77 29.07
N VAL A 25 11.59 4.81 28.42
CA VAL A 25 11.52 3.36 28.82
C VAL A 25 12.92 2.77 28.82
N GLY A 26 13.32 2.06 29.91
CA GLY A 26 14.58 1.31 30.01
C GLY A 26 14.30 -0.17 29.85
N TYR A 27 15.26 -0.93 29.31
CA TYR A 27 15.12 -2.33 28.84
C TYR A 27 16.40 -3.11 29.16
N VAL A 28 16.30 -4.27 29.80
CA VAL A 28 17.48 -5.21 29.84
C VAL A 28 17.15 -6.39 28.94
N ASP A 29 18.04 -6.66 27.97
CA ASP A 29 17.77 -7.40 26.72
C ASP A 29 16.40 -6.94 26.21
N ASP A 30 15.38 -7.80 26.25
CA ASP A 30 14.02 -7.57 25.68
C ASP A 30 12.99 -7.58 26.83
N THR A 31 13.41 -7.20 28.04
CA THR A 31 12.56 -6.97 29.23
C THR A 31 12.59 -5.48 29.61
N GLN A 32 11.47 -4.79 29.55
CA GLN A 32 11.36 -3.39 30.06
C GLN A 32 11.30 -3.48 31.56
N PHE A 33 11.92 -2.53 32.28
CA PHE A 33 12.00 -2.53 33.75
C PHE A 33 11.70 -1.14 34.34
N VAL A 34 11.83 -0.07 33.58
CA VAL A 34 11.48 1.29 34.11
C VAL A 34 10.67 2.05 33.04
N ARG A 35 9.86 3.00 33.48
CA ARG A 35 9.18 3.96 32.55
C ARG A 35 9.01 5.29 33.26
N PHE A 36 8.78 6.34 32.48
CA PHE A 36 8.39 7.69 32.95
C PHE A 36 7.60 8.32 31.84
N ASP A 37 6.42 8.83 32.18
CA ASP A 37 5.43 9.51 31.29
C ASP A 37 5.23 10.89 31.89
N SER A 38 5.42 11.93 31.11
CA SER A 38 5.19 13.33 31.53
C SER A 38 3.76 13.50 32.12
N ASP A 39 2.72 12.93 31.47
CA ASP A 39 1.28 13.13 31.80
C ASP A 39 0.85 12.21 32.92
N ALA A 40 1.69 11.26 33.35
CA ALA A 40 1.47 10.42 34.55
C ALA A 40 1.31 11.32 35.76
N ALA A 41 0.42 10.96 36.68
CA ALA A 41 0.23 11.66 37.97
C ALA A 41 1.48 11.50 38.84
N SER A 42 2.10 10.31 38.83
CA SER A 42 3.17 9.93 39.81
C SER A 42 4.28 10.96 39.73
N GLN A 43 4.68 11.31 38.50
CA GLN A 43 5.89 12.12 38.18
C GLN A 43 7.09 11.49 38.89
N ARG A 44 7.06 10.15 39.04
CA ARG A 44 8.21 9.33 39.50
C ARG A 44 8.75 8.50 38.31
N MET A 45 9.99 8.01 38.40
CA MET A 45 10.52 6.89 37.58
C MET A 45 10.05 5.61 38.27
N GLU A 46 9.60 4.61 37.51
CA GLU A 46 8.59 3.62 37.99
C GLU A 46 8.96 2.21 37.53
N PRO A 47 8.79 1.19 38.38
CA PRO A 47 9.14 -0.19 38.03
C PRO A 47 8.11 -0.86 37.10
N ARG A 48 8.59 -1.70 36.16
CA ARG A 48 7.72 -2.53 35.29
C ARG A 48 8.28 -3.95 35.20
N ALA A 49 9.25 -4.29 36.03
CA ALA A 49 9.68 -5.68 36.29
C ALA A 49 9.93 -5.87 37.78
N PRO A 50 9.46 -7.00 38.36
CA PRO A 50 9.63 -7.30 39.79
C PRO A 50 11.03 -7.12 40.38
N TRP A 51 12.06 -7.54 39.67
CA TRP A 51 13.44 -7.60 40.20
C TRP A 51 13.90 -6.19 40.64
N ILE A 52 13.55 -5.14 39.87
CA ILE A 52 14.01 -3.74 40.08
C ILE A 52 13.35 -3.14 41.32
N GLU A 53 12.21 -3.70 41.78
CA GLU A 53 11.45 -3.11 42.93
C GLU A 53 12.37 -3.13 44.16
N GLN A 54 13.24 -4.14 44.25
CA GLN A 54 14.07 -4.43 45.45
C GLN A 54 15.15 -3.34 45.63
N GLU A 55 15.38 -2.46 44.63
CA GLU A 55 16.27 -1.28 44.81
C GLU A 55 15.62 -0.22 45.71
N GLY A 56 16.45 0.52 46.43
CA GLY A 56 16.05 1.44 47.52
C GLY A 56 15.71 2.82 46.99
N PRO A 57 15.27 3.75 47.87
CA PRO A 57 14.61 4.98 47.42
C PRO A 57 15.54 6.00 46.74
N GLU A 58 16.84 5.94 47.02
CA GLU A 58 17.85 6.85 46.41
C GLU A 58 18.01 6.48 44.94
N TYR A 59 17.98 5.20 44.61
CA TYR A 59 17.90 4.72 43.21
C TYR A 59 16.64 5.32 42.53
N TRP A 60 15.52 5.40 43.24
CA TRP A 60 14.23 5.90 42.68
C TRP A 60 14.23 7.44 42.64
N ASP A 61 14.58 8.08 43.76
CA ASP A 61 14.79 9.55 43.86
C ASP A 61 15.63 10.07 42.68
N GLY A 62 16.82 9.48 42.45
CA GLY A 62 17.86 10.01 41.52
C GLY A 62 17.48 9.77 40.07
N GLU A 63 16.91 8.61 39.79
CA GLU A 63 16.40 8.20 38.47
C GLU A 63 15.29 9.17 38.04
N THR A 64 14.43 9.57 38.98
CA THR A 64 13.37 10.57 38.72
C THR A 64 14.07 11.86 38.32
N ARG A 65 15.01 12.33 39.14
CA ARG A 65 15.72 13.63 38.93
C ARG A 65 16.42 13.63 37.57
N LYS A 66 17.15 12.56 37.26
CA LYS A 66 17.91 12.47 35.98
C LYS A 66 16.93 12.50 34.80
N VAL A 67 15.85 11.72 34.86
CA VAL A 67 14.94 11.53 33.70
C VAL A 67 14.18 12.86 33.47
N LYS A 68 13.90 13.61 34.52
CA LYS A 68 13.32 14.98 34.42
C LYS A 68 14.33 15.89 33.72
N ALA A 69 15.63 15.68 33.92
CA ALA A 69 16.71 16.37 33.16
C ALA A 69 16.61 16.05 31.64
N HIS A 70 16.45 14.78 31.27
CA HIS A 70 16.41 14.38 29.82
C HIS A 70 15.19 15.10 29.19
N SER A 71 14.11 15.18 29.96
CA SER A 71 12.85 15.79 29.53
C SER A 71 13.07 17.24 29.16
N GLN A 72 13.54 18.05 30.10
CA GLN A 72 13.87 19.50 29.89
C GLN A 72 14.86 19.66 28.73
N THR A 73 15.84 18.76 28.62
CA THR A 73 16.81 18.77 27.50
C THR A 73 16.10 18.54 26.16
N HIS A 74 15.23 17.52 26.08
CA HIS A 74 14.34 17.31 24.91
C HIS A 74 13.47 18.55 24.71
N ARG A 75 12.89 19.03 25.80
CA ARG A 75 11.96 20.18 25.81
C ARG A 75 12.64 21.42 25.20
N VAL A 76 13.98 21.55 25.32
CA VAL A 76 14.75 22.67 24.73
C VAL A 76 15.14 22.34 23.30
N ASP A 77 15.48 21.08 23.02
CA ASP A 77 16.06 20.70 21.70
C ASP A 77 14.99 20.91 20.62
N LEU A 78 13.72 20.63 20.92
CA LEU A 78 12.57 20.93 20.01
C LEU A 78 12.60 22.42 19.60
N GLY A 79 12.67 23.31 20.58
CA GLY A 79 12.66 24.78 20.35
C GLY A 79 13.86 25.21 19.54
N THR A 80 14.98 24.52 19.69
CA THR A 80 16.27 24.83 19.00
C THR A 80 16.24 24.25 17.58
N LEU A 81 15.62 23.08 17.40
CA LEU A 81 15.55 22.37 16.10
C LEU A 81 14.60 23.08 15.15
N ARG A 82 13.58 23.76 15.70
CA ARG A 82 12.63 24.62 14.96
C ARG A 82 13.42 25.73 14.25
N GLY A 83 14.24 26.48 15.02
CA GLY A 83 15.24 27.43 14.49
C GLY A 83 16.10 26.81 13.41
N TYR A 84 17.04 25.93 13.78
CA TYR A 84 18.05 25.38 12.83
C TYR A 84 17.37 25.08 11.48
N TYR A 85 16.19 24.47 11.51
CA TYR A 85 15.47 23.98 10.29
C TYR A 85 14.48 25.05 9.80
N ASN A 86 14.31 26.11 10.60
CA ASN A 86 13.46 27.30 10.28
C ASN A 86 12.02 26.83 10.11
N GLN A 87 11.51 26.02 11.06
CA GLN A 87 10.12 25.53 11.09
C GLN A 87 9.28 26.51 11.92
N SER A 88 7.97 26.25 11.98
CA SER A 88 6.92 27.20 12.43
C SER A 88 6.26 26.66 13.69
N GLU A 89 6.13 27.51 14.73
CA GLU A 89 5.50 27.17 16.04
C GLU A 89 4.19 26.41 15.81
N ALA A 90 3.56 26.64 14.65
CA ALA A 90 2.28 26.01 14.24
C ALA A 90 2.52 24.61 13.65
N GLY A 91 3.02 23.67 14.46
CA GLY A 91 3.35 22.30 13.98
C GLY A 91 4.02 21.46 15.05
N SER A 92 3.50 20.25 15.27
CA SER A 92 4.01 19.29 16.28
C SER A 92 5.14 18.44 15.66
N HIS A 93 6.33 18.47 16.27
CA HIS A 93 7.49 17.62 15.88
C HIS A 93 7.84 16.70 17.04
N THR A 94 8.78 15.79 16.79
CA THR A 94 9.17 14.66 17.65
C THR A 94 10.67 14.62 17.69
N VAL A 95 11.23 14.33 18.87
CA VAL A 95 12.67 14.02 19.04
C VAL A 95 12.74 12.70 19.76
N GLN A 96 13.73 11.91 19.39
CA GLN A 96 13.96 10.56 19.94
C GLN A 96 15.45 10.46 20.25
N ARG A 97 15.80 9.94 21.42
CA ARG A 97 17.19 9.63 21.87
C ARG A 97 17.23 8.15 22.26
N MET A 98 18.33 7.46 21.95
CA MET A 98 18.53 6.03 22.28
C MET A 98 20.02 5.79 22.59
N TYR A 99 20.30 5.20 23.71
CA TYR A 99 21.69 4.96 24.14
C TYR A 99 21.69 3.79 25.10
N GLY A 100 22.80 3.08 25.10
CA GLY A 100 23.01 1.88 25.91
C GLY A 100 24.40 1.32 25.69
N CYS A 101 24.53 0.03 25.94
CA CYS A 101 25.80 -0.71 25.92
C CYS A 101 25.45 -2.19 25.83
N ASP A 102 26.31 -2.98 25.21
CA ASP A 102 26.18 -4.46 25.13
C ASP A 102 27.39 -5.05 25.81
N VAL A 103 27.20 -6.18 26.49
CA VAL A 103 28.30 -6.99 27.07
C VAL A 103 28.25 -8.40 26.45
N GLY A 104 29.40 -9.07 26.37
CA GLY A 104 29.54 -10.37 25.71
C GLY A 104 29.14 -11.49 26.64
N SER A 105 29.26 -12.73 26.17
CA SER A 105 29.02 -13.96 26.97
C SER A 105 29.73 -13.82 28.35
N ASP A 106 30.89 -13.15 28.35
CA ASP A 106 31.75 -12.90 29.55
C ASP A 106 31.21 -11.70 30.35
N TRP A 107 30.36 -10.88 29.70
CA TRP A 107 29.68 -9.61 30.19
C TRP A 107 30.73 -8.46 30.26
N ARG A 108 31.94 -8.64 29.69
CA ARG A 108 32.89 -7.52 29.41
C ARG A 108 32.12 -6.56 28.50
N PHE A 109 32.49 -5.29 28.48
CA PHE A 109 32.09 -4.31 27.45
C PHE A 109 32.21 -4.94 26.06
N LEU A 110 31.20 -4.74 25.21
CA LEU A 110 31.23 -5.11 23.78
C LEU A 110 31.16 -3.82 22.97
N ARG A 111 30.04 -3.10 23.02
CA ARG A 111 29.85 -1.81 22.29
C ARG A 111 28.81 -0.98 23.00
N GLY A 112 28.98 0.36 22.90
CA GLY A 112 28.03 1.42 23.32
C GLY A 112 27.49 2.20 22.12
N TYR A 113 26.40 2.93 22.31
CA TYR A 113 25.82 3.84 21.30
C TYR A 113 25.09 4.97 21.98
N HIS A 114 24.82 5.99 21.20
CA HIS A 114 24.04 7.16 21.59
C HIS A 114 23.47 7.77 20.34
N GLN A 115 22.29 7.34 19.95
CA GLN A 115 21.60 7.78 18.74
C GLN A 115 20.69 8.95 19.09
N TYR A 116 20.25 9.70 18.06
CA TYR A 116 19.32 10.87 18.18
C TYR A 116 18.68 11.14 16.81
N ALA A 117 17.34 11.25 16.77
CA ALA A 117 16.55 11.52 15.55
C ALA A 117 15.64 12.70 15.80
N TYR A 118 15.42 13.55 14.76
CA TYR A 118 14.30 14.53 14.61
C TYR A 118 13.28 14.03 13.59
N ASP A 119 12.01 14.07 13.98
CA ASP A 119 10.83 13.69 13.15
C ASP A 119 11.15 12.41 12.39
N GLY A 120 11.61 11.40 13.12
CA GLY A 120 11.83 10.03 12.61
C GLY A 120 13.02 9.95 11.66
N LYS A 121 13.92 10.95 11.69
CA LYS A 121 15.14 10.95 10.84
C LYS A 121 16.38 11.10 11.71
N ASP A 122 17.42 10.33 11.38
CA ASP A 122 18.74 10.31 12.06
C ASP A 122 19.28 11.73 12.12
N TYR A 123 19.73 12.20 13.27
CA TYR A 123 20.17 13.60 13.46
C TYR A 123 21.65 13.62 13.83
N ILE A 124 22.01 12.96 14.91
CA ILE A 124 23.43 12.85 15.37
C ILE A 124 23.59 11.56 16.15
N ALA A 125 24.77 10.94 16.07
CA ALA A 125 25.08 9.67 16.70
C ALA A 125 26.56 9.61 17.02
N LEU A 126 26.89 9.25 18.26
CA LEU A 126 28.21 8.80 18.70
C LEU A 126 28.66 7.68 17.77
N LYS A 127 29.80 7.80 17.08
CA LYS A 127 30.34 6.67 16.30
C LYS A 127 30.91 5.66 17.31
N GLU A 128 31.44 4.53 16.82
CA GLU A 128 31.60 3.26 17.59
C GLU A 128 32.80 3.41 18.53
N ASP A 129 33.82 4.15 18.10
CA ASP A 129 35.01 4.53 18.92
C ASP A 129 34.56 5.26 20.21
N LEU A 130 33.42 5.95 20.17
CA LEU A 130 32.87 6.82 21.28
C LEU A 130 33.81 8.03 21.51
N ARG A 131 34.52 8.42 20.46
CA ARG A 131 35.48 9.55 20.44
C ARG A 131 35.23 10.32 19.15
N SER A 132 33.98 10.39 18.69
CA SER A 132 33.56 11.19 17.51
C SER A 132 32.06 11.05 17.25
N TRP A 133 31.57 11.77 16.24
CA TRP A 133 30.13 12.07 16.00
C TRP A 133 29.82 11.97 14.50
N THR A 134 28.75 11.28 14.13
CA THR A 134 28.16 11.27 12.76
C THR A 134 26.99 12.26 12.69
N ALA A 135 27.09 13.27 11.83
CA ALA A 135 26.01 14.22 11.48
C ALA A 135 25.15 13.65 10.37
N ALA A 136 23.83 13.83 10.44
CA ALA A 136 22.87 13.54 9.34
C ALA A 136 22.94 14.64 8.26
N ASP A 137 23.37 15.85 8.63
CA ASP A 137 23.26 17.06 7.75
C ASP A 137 23.99 18.24 8.38
N MET A 138 23.69 19.45 7.95
CA MET A 138 24.48 20.65 8.28
C MET A 138 24.04 21.21 9.64
N ALA A 139 22.77 21.10 9.99
CA ALA A 139 22.29 21.42 11.36
C ALA A 139 23.16 20.64 12.38
N ALA A 140 23.20 19.31 12.24
CA ALA A 140 24.01 18.38 13.07
C ALA A 140 25.44 18.89 13.18
N GLN A 141 26.09 19.22 12.07
CA GLN A 141 27.48 19.77 12.05
C GLN A 141 27.63 20.79 13.19
N THR A 142 26.85 21.87 13.14
CA THR A 142 26.75 22.91 14.20
C THR A 142 26.67 22.22 15.58
N THR A 143 25.67 21.36 15.82
CA THR A 143 25.51 20.64 17.10
C THR A 143 26.79 19.86 17.45
N LYS A 144 27.28 19.04 16.53
CA LYS A 144 28.54 18.24 16.69
C LYS A 144 29.69 19.15 17.13
N HIS A 145 29.77 20.37 16.60
CA HIS A 145 30.86 21.35 16.86
C HIS A 145 30.65 22.04 18.21
N LYS A 146 29.43 21.98 18.76
CA LYS A 146 29.15 22.43 20.15
C LYS A 146 29.54 21.29 21.09
N TRP A 147 29.41 20.05 20.62
CA TRP A 147 29.62 18.83 21.44
C TRP A 147 31.11 18.44 21.40
N GLU A 148 31.80 18.76 20.31
CA GLU A 148 33.29 18.68 20.20
C GLU A 148 33.93 19.62 21.23
N ALA A 149 33.51 20.89 21.25
CA ALA A 149 34.11 21.98 22.04
C ALA A 149 33.78 21.84 23.55
N ALA A 150 32.81 20.99 23.92
CA ALA A 150 32.36 20.76 25.33
C ALA A 150 32.73 19.35 25.83
N HIS A 151 33.38 18.54 24.99
CA HIS A 151 34.03 17.27 25.40
C HIS A 151 32.96 16.22 25.75
N VAL A 152 31.89 16.10 24.96
CA VAL A 152 30.65 15.32 25.30
C VAL A 152 30.91 13.82 25.11
N ALA A 153 31.61 13.41 24.06
CA ALA A 153 31.86 11.99 23.75
C ALA A 153 32.66 11.34 24.90
N GLU A 154 33.70 12.01 25.39
CA GLU A 154 34.49 11.60 26.59
C GLU A 154 33.55 11.35 27.77
N GLN A 155 32.61 12.28 28.03
CA GLN A 155 31.69 12.22 29.19
C GLN A 155 30.79 11.01 29.00
N LEU A 156 30.17 10.91 27.83
CA LEU A 156 29.34 9.75 27.38
C LEU A 156 30.13 8.43 27.52
N ARG A 157 31.34 8.40 26.96
CA ARG A 157 32.18 7.18 26.94
C ARG A 157 32.37 6.67 28.37
N ALA A 158 32.34 7.57 29.36
CA ALA A 158 32.61 7.27 30.79
C ALA A 158 31.40 6.56 31.39
N TYR A 159 30.20 7.05 31.07
CA TYR A 159 28.91 6.38 31.34
C TYR A 159 28.93 5.00 30.66
N LEU A 160 28.83 4.94 29.33
CA LEU A 160 28.62 3.66 28.57
C LEU A 160 29.74 2.66 28.94
N GLU A 161 31.00 3.00 28.78
CA GLU A 161 32.10 2.01 28.93
C GLU A 161 32.31 1.66 30.40
N GLY A 162 31.88 2.53 31.33
CA GLY A 162 31.81 2.22 32.77
C GLY A 162 30.41 1.82 33.19
N THR A 163 29.63 2.82 33.64
CA THR A 163 28.50 2.67 34.57
C THR A 163 27.34 1.86 33.96
N CYS A 164 27.02 2.08 32.68
CA CYS A 164 26.12 1.18 31.91
C CYS A 164 26.46 -0.30 32.19
N VAL A 165 27.73 -0.66 32.09
CA VAL A 165 28.24 -2.06 32.14
C VAL A 165 28.09 -2.61 33.57
N GLU A 166 28.34 -1.76 34.57
CA GLU A 166 28.37 -2.15 35.98
C GLU A 166 26.94 -2.36 36.46
N TRP A 167 26.01 -1.61 35.91
CA TRP A 167 24.62 -1.66 36.37
C TRP A 167 23.88 -2.75 35.61
N LEU A 168 24.13 -2.87 34.30
CA LEU A 168 23.56 -3.95 33.47
C LEU A 168 23.84 -5.24 34.20
N ARG A 169 25.10 -5.47 34.60
CA ARG A 169 25.51 -6.69 35.32
C ARG A 169 24.64 -6.82 36.58
N ARG A 170 24.60 -5.73 37.34
CA ARG A 170 23.92 -5.70 38.64
C ARG A 170 22.52 -6.27 38.42
N TYR A 171 21.77 -5.60 37.51
CA TYR A 171 20.42 -5.98 37.08
C TYR A 171 20.33 -7.47 36.68
N LEU A 172 21.29 -7.93 35.89
CA LEU A 172 21.43 -9.33 35.38
C LEU A 172 21.53 -10.34 36.53
N GLU A 173 22.25 -10.00 37.62
CA GLU A 173 22.36 -10.85 38.83
C GLU A 173 20.99 -10.84 39.56
N ASN A 174 20.38 -9.66 39.66
CA ASN A 174 19.16 -9.43 40.49
C ASN A 174 17.90 -10.00 39.80
N GLY A 175 17.85 -9.97 38.47
CA GLY A 175 16.76 -10.61 37.69
C GLY A 175 17.20 -11.92 37.05
N LYS A 176 17.93 -12.77 37.77
CA LYS A 176 18.58 -13.98 37.18
C LYS A 176 17.52 -14.97 36.65
N GLU A 177 16.36 -15.12 37.32
CA GLU A 177 15.28 -16.03 36.83
C GLU A 177 14.62 -15.44 35.58
N THR A 178 14.54 -14.11 35.47
CA THR A 178 13.92 -13.40 34.31
C THR A 178 14.96 -13.22 33.19
N LEU A 179 16.03 -12.48 33.46
CA LEU A 179 16.95 -11.99 32.42
C LEU A 179 17.88 -13.10 31.90
N GLN A 180 18.26 -14.07 32.73
CA GLN A 180 19.29 -15.08 32.36
C GLN A 180 18.63 -16.44 32.13
N ARG A 181 17.36 -16.47 31.69
CA ARG A 181 16.66 -17.71 31.28
C ARG A 181 16.62 -17.75 29.74
N THR A 182 16.78 -18.92 29.12
CA THR A 182 16.68 -19.13 27.67
C THR A 182 15.48 -20.04 27.42
N ASP A 183 14.29 -19.43 27.24
CA ASP A 183 13.01 -20.12 27.01
C ASP A 183 12.93 -20.48 25.54
N ALA A 184 13.00 -21.78 25.25
CA ALA A 184 13.18 -22.33 23.88
C ALA A 184 11.84 -22.23 23.17
N PRO A 185 11.81 -21.87 21.88
CA PRO A 185 10.57 -21.85 21.14
C PRO A 185 9.87 -23.22 21.14
N LYS A 186 8.59 -23.23 21.56
CA LYS A 186 7.65 -24.36 21.43
C LYS A 186 6.97 -24.26 20.05
N THR A 187 7.31 -25.20 19.17
CA THR A 187 7.02 -25.16 17.71
C THR A 187 5.83 -26.08 17.37
N HIS A 188 5.01 -25.74 16.38
CA HIS A 188 4.19 -26.71 15.62
C HIS A 188 3.94 -26.18 14.19
N MET A 189 3.38 -27.01 13.33
CA MET A 189 2.98 -26.67 11.94
C MET A 189 1.45 -26.77 11.84
N THR A 190 0.83 -26.02 10.90
CA THR A 190 -0.61 -26.11 10.57
C THR A 190 -0.84 -26.03 9.05
N HIS A 191 -2.03 -26.39 8.61
CA HIS A 191 -2.37 -26.63 7.19
C HIS A 191 -3.75 -26.01 6.88
N HIS A 192 -3.84 -25.18 5.85
CA HIS A 192 -5.13 -24.67 5.32
C HIS A 192 -5.16 -24.90 3.80
N ALA A 193 -6.28 -25.44 3.30
CA ALA A 193 -6.71 -25.38 1.89
C ALA A 193 -6.98 -23.93 1.50
N VAL A 194 -6.06 -23.28 0.77
CA VAL A 194 -6.32 -21.93 0.17
C VAL A 194 -7.23 -22.08 -1.05
N SER A 195 -6.89 -22.97 -2.01
CA SER A 195 -7.65 -23.16 -3.27
C SER A 195 -7.70 -24.65 -3.65
N ASP A 196 -8.32 -24.97 -4.81
CA ASP A 196 -8.32 -26.33 -5.41
C ASP A 196 -6.90 -26.90 -5.40
N HIS A 197 -5.95 -26.17 -5.98
CA HIS A 197 -4.66 -26.70 -6.51
C HIS A 197 -3.57 -26.53 -5.46
N GLU A 198 -3.83 -25.76 -4.39
CA GLU A 198 -2.76 -25.23 -3.49
C GLU A 198 -3.20 -25.23 -2.02
N ALA A 199 -2.23 -25.14 -1.10
CA ALA A 199 -2.45 -25.05 0.37
C ALA A 199 -1.34 -24.24 1.04
N THR A 200 -1.63 -23.63 2.20
CA THR A 200 -0.67 -22.89 3.06
C THR A 200 -0.18 -23.82 4.17
N LEU A 201 1.14 -23.96 4.34
CA LEU A 201 1.79 -24.39 5.60
C LEU A 201 2.16 -23.15 6.40
N ARG A 202 1.77 -23.10 7.67
CA ARG A 202 2.23 -22.10 8.66
C ARG A 202 3.10 -22.79 9.74
N CYS A 203 4.30 -22.27 9.96
CA CYS A 203 5.30 -22.78 10.92
C CYS A 203 5.44 -21.82 12.09
N TRP A 204 5.10 -22.29 13.30
CA TRP A 204 4.92 -21.49 14.55
C TRP A 204 6.12 -21.64 15.49
N ALA A 205 6.67 -20.52 15.97
CA ALA A 205 7.41 -20.42 17.26
C ALA A 205 6.57 -19.65 18.29
N LEU A 206 6.41 -20.19 19.49
CA LEU A 206 5.63 -19.59 20.61
C LEU A 206 6.43 -19.72 21.91
N SER A 207 6.15 -18.79 22.84
CA SER A 207 6.54 -18.85 24.27
C SER A 207 8.07 -18.87 24.41
N PHE A 208 8.80 -18.18 23.51
CA PHE A 208 10.30 -18.14 23.53
C PHE A 208 10.79 -16.81 24.13
N TYR A 209 12.02 -16.84 24.64
CA TYR A 209 12.79 -15.65 25.11
C TYR A 209 14.27 -15.92 24.87
N PRO A 210 15.07 -14.93 24.43
CA PRO A 210 14.59 -13.63 24.00
C PRO A 210 13.89 -13.64 22.61
N ALA A 211 13.49 -12.45 22.13
CA ALA A 211 12.78 -12.24 20.85
C ALA A 211 13.60 -12.75 19.66
N GLU A 212 14.89 -12.44 19.62
CA GLU A 212 15.76 -12.87 18.49
C GLU A 212 15.44 -14.35 18.21
N ILE A 213 14.87 -14.64 17.03
CA ILE A 213 14.73 -16.02 16.48
C ILE A 213 14.96 -15.96 14.95
N THR A 214 15.40 -17.06 14.33
CA THR A 214 15.35 -17.23 12.84
C THR A 214 14.45 -18.42 12.48
N LEU A 215 13.36 -18.12 11.77
CA LEU A 215 12.35 -19.08 11.20
C LEU A 215 12.58 -19.17 9.68
N THR A 216 13.09 -20.31 9.20
CA THR A 216 13.58 -20.52 7.81
C THR A 216 12.82 -21.68 7.16
N TRP A 217 12.37 -21.47 5.92
CA TRP A 217 11.72 -22.50 5.06
C TRP A 217 12.71 -23.04 4.03
N GLN A 218 12.64 -24.35 3.80
CA GLN A 218 13.47 -25.10 2.84
C GLN A 218 12.52 -25.89 1.93
N ARG A 219 12.98 -26.17 0.71
CA ARG A 219 12.32 -27.13 -0.20
C ARG A 219 13.39 -28.02 -0.81
N ASP A 220 13.40 -29.30 -0.41
CA ASP A 220 14.43 -30.31 -0.77
C ASP A 220 15.80 -29.87 -0.24
N GLY A 221 15.86 -29.16 0.89
CA GLY A 221 17.13 -28.72 1.51
C GLY A 221 17.56 -27.30 1.08
N GLU A 222 16.90 -26.72 0.05
CA GLU A 222 17.22 -25.39 -0.52
C GLU A 222 16.28 -24.30 0.04
N ASP A 223 16.86 -23.23 0.60
CA ASP A 223 16.14 -22.13 1.30
C ASP A 223 15.16 -21.46 0.32
N GLN A 224 13.86 -21.44 0.65
CA GLN A 224 12.76 -20.88 -0.19
C GLN A 224 12.18 -19.65 0.52
N THR A 225 12.21 -18.48 -0.12
CA THR A 225 11.79 -17.17 0.48
C THR A 225 10.64 -16.60 -0.38
N GLN A 226 10.83 -16.57 -1.70
CA GLN A 226 9.73 -16.59 -2.72
C GLN A 226 8.53 -17.38 -2.17
N ASP A 227 7.30 -16.83 -2.30
CA ASP A 227 6.02 -17.55 -2.07
C ASP A 227 5.84 -17.92 -0.58
N THR A 228 6.55 -17.21 0.33
CA THR A 228 6.41 -17.30 1.80
C THR A 228 5.55 -16.12 2.31
N GLU A 229 5.46 -15.97 3.64
CA GLU A 229 4.91 -14.77 4.33
C GLU A 229 5.34 -14.88 5.80
N LEU A 230 6.36 -14.09 6.16
CA LEU A 230 6.93 -13.94 7.54
C LEU A 230 6.13 -12.85 8.28
N VAL A 231 5.69 -13.09 9.53
CA VAL A 231 5.23 -11.97 10.40
C VAL A 231 6.43 -11.45 11.18
N GLU A 232 6.40 -10.19 11.60
CA GLU A 232 7.40 -9.62 12.56
C GLU A 232 7.19 -10.28 13.95
N THR A 233 8.28 -10.42 14.71
CA THR A 233 8.31 -11.01 16.06
C THR A 233 7.55 -10.09 17.01
N ARG A 234 6.43 -10.60 17.55
CA ARG A 234 5.47 -9.89 18.43
C ARG A 234 5.56 -10.44 19.84
N PRO A 235 5.14 -9.64 20.87
CA PRO A 235 4.95 -10.15 22.22
C PRO A 235 3.54 -10.66 22.57
N ALA A 236 3.50 -11.69 23.42
CA ALA A 236 2.30 -12.24 24.08
C ALA A 236 1.92 -11.43 25.33
N GLY A 237 2.82 -10.59 25.88
CA GLY A 237 2.50 -9.67 27.01
C GLY A 237 2.87 -10.30 28.35
N ASP A 238 3.35 -11.55 28.35
CA ASP A 238 3.88 -12.23 29.56
C ASP A 238 5.41 -12.29 29.48
N GLY A 239 6.02 -11.47 28.60
CA GLY A 239 7.48 -11.39 28.42
C GLY A 239 8.03 -12.58 27.63
N THR A 240 7.16 -13.32 26.96
CA THR A 240 7.50 -14.33 25.93
C THR A 240 7.08 -13.73 24.58
N PHE A 241 7.77 -14.11 23.51
CA PHE A 241 7.55 -13.64 22.13
C PHE A 241 7.14 -14.82 21.26
N GLN A 242 6.74 -14.50 20.03
CA GLN A 242 6.02 -15.38 19.08
C GLN A 242 6.53 -15.04 17.67
N LYS A 243 6.04 -15.78 16.68
CA LYS A 243 6.49 -15.65 15.28
C LYS A 243 6.04 -16.88 14.49
N TRP A 244 5.70 -16.63 13.24
CA TRP A 244 5.41 -17.69 12.25
C TRP A 244 5.88 -17.25 10.87
N ALA A 245 6.37 -18.23 10.11
CA ALA A 245 6.48 -18.22 8.63
C ALA A 245 5.52 -19.26 8.06
N ALA A 246 5.11 -18.99 6.83
CA ALA A 246 4.17 -19.80 6.02
C ALA A 246 4.67 -19.81 4.58
N VAL A 247 4.19 -20.76 3.78
CA VAL A 247 4.40 -20.83 2.31
C VAL A 247 3.04 -21.20 1.72
N VAL A 248 2.76 -20.75 0.49
CA VAL A 248 1.76 -21.38 -0.39
C VAL A 248 2.48 -22.47 -1.20
N VAL A 249 1.98 -23.71 -1.13
CA VAL A 249 2.57 -24.89 -1.81
C VAL A 249 1.55 -25.45 -2.78
N PRO A 250 1.99 -26.09 -3.89
CA PRO A 250 1.12 -26.97 -4.66
C PRO A 250 0.57 -28.13 -3.81
N SER A 251 -0.72 -28.43 -3.95
CA SER A 251 -1.39 -29.58 -3.28
C SER A 251 -0.63 -30.86 -3.60
N GLY A 252 -0.26 -31.61 -2.54
CA GLY A 252 0.42 -32.91 -2.64
C GLY A 252 1.93 -32.79 -2.53
N GLN A 253 2.49 -31.60 -2.81
CA GLN A 253 3.95 -31.36 -2.85
C GLN A 253 4.47 -31.11 -1.43
N GLU A 254 3.63 -31.33 -0.42
CA GLU A 254 3.79 -30.73 0.93
C GLU A 254 4.83 -31.54 1.72
N GLN A 255 5.00 -32.82 1.39
CA GLN A 255 6.06 -33.70 1.97
C GLN A 255 7.43 -33.02 1.78
N ARG A 256 7.63 -32.30 0.66
CA ARG A 256 8.94 -31.79 0.20
C ARG A 256 9.45 -30.63 1.07
N TYR A 257 8.55 -29.79 1.60
CA TYR A 257 8.94 -28.55 2.33
C TYR A 257 9.28 -28.92 3.76
N THR A 258 10.08 -28.08 4.42
CA THR A 258 10.52 -28.21 5.83
C THR A 258 10.80 -26.82 6.41
N CYS A 259 10.16 -26.46 7.52
CA CYS A 259 10.45 -25.22 8.28
C CYS A 259 11.55 -25.49 9.32
N HIS A 260 12.46 -24.53 9.51
CA HIS A 260 13.72 -24.64 10.29
C HIS A 260 13.86 -23.46 11.28
N VAL A 261 14.18 -23.77 12.54
CA VAL A 261 13.99 -22.91 13.74
C VAL A 261 15.31 -22.82 14.52
N GLN A 262 15.88 -21.63 14.64
CA GLN A 262 17.14 -21.38 15.37
C GLN A 262 16.91 -20.26 16.40
N HIS A 263 17.23 -20.56 17.65
CA HIS A 263 17.09 -19.68 18.85
C HIS A 263 18.12 -20.20 19.85
N GLU A 264 18.53 -19.40 20.83
CA GLU A 264 19.71 -19.69 21.68
C GLU A 264 19.30 -20.65 22.80
N GLY A 265 17.99 -20.83 23.04
CA GLY A 265 17.46 -21.81 24.02
C GLY A 265 17.20 -23.16 23.38
N LEU A 266 17.59 -23.32 22.10
CA LEU A 266 17.52 -24.59 21.32
C LEU A 266 18.92 -25.17 21.17
N PRO A 267 19.22 -26.32 21.82
CA PRO A 267 20.58 -26.89 21.78
C PRO A 267 21.03 -27.28 20.37
N LYS A 268 20.08 -27.54 19.47
CA LYS A 268 20.31 -27.77 18.01
C LYS A 268 19.05 -27.35 17.27
N PRO A 269 19.14 -26.92 16.00
CA PRO A 269 17.97 -26.38 15.31
C PRO A 269 16.83 -27.42 15.28
N LEU A 270 15.58 -26.95 15.26
CA LEU A 270 14.38 -27.82 15.05
C LEU A 270 14.03 -27.80 13.57
N THR A 271 13.67 -28.96 13.02
CA THR A 271 13.01 -29.11 11.71
C THR A 271 11.57 -29.56 11.94
N LEU A 272 10.63 -29.02 11.17
CA LEU A 272 9.24 -29.52 11.09
C LEU A 272 8.91 -29.79 9.62
N ARG A 273 8.09 -30.81 9.34
CA ARG A 273 7.61 -31.19 7.98
C ARG A 273 6.17 -31.70 8.11
N TRP A 274 5.37 -31.56 7.04
CA TRP A 274 3.92 -31.89 7.09
C TRP A 274 3.70 -33.37 6.84
N GLU A 275 3.00 -34.00 7.79
CA GLU A 275 2.37 -35.33 7.71
C GLU A 275 3.06 -36.15 8.78
N MET B 1 7.79 16.12 6.23
CA MET B 1 7.89 15.06 7.28
C MET B 1 7.90 13.67 6.62
N ILE B 2 8.48 12.68 7.31
CA ILE B 2 8.30 11.23 7.04
C ILE B 2 6.99 10.78 7.71
N GLN B 3 6.17 9.99 7.01
CA GLN B 3 5.02 9.27 7.62
C GLN B 3 5.13 7.76 7.37
N ARG B 4 4.93 6.95 8.40
CA ARG B 4 4.88 5.48 8.29
C ARG B 4 3.52 5.02 8.86
N THR B 5 2.86 4.11 8.11
CA THR B 5 1.58 3.46 8.51
C THR B 5 1.87 2.25 9.36
N PRO B 6 1.05 2.02 10.40
CA PRO B 6 1.19 0.83 11.22
C PRO B 6 1.16 -0.43 10.35
N LYS B 7 1.99 -1.41 10.69
CA LYS B 7 1.67 -2.83 10.44
C LYS B 7 0.77 -3.27 11.60
N ILE B 8 -0.19 -4.18 11.36
CA ILE B 8 -1.11 -4.65 12.44
C ILE B 8 -1.08 -6.18 12.56
N GLN B 9 -1.11 -6.67 13.80
CA GLN B 9 -1.24 -8.13 14.06
C GLN B 9 -2.19 -8.36 15.22
N VAL B 10 -3.25 -9.14 14.97
CA VAL B 10 -4.29 -9.46 15.99
C VAL B 10 -4.16 -10.92 16.27
N TYR B 11 -4.04 -11.27 17.53
CA TYR B 11 -3.59 -12.59 18.01
C TYR B 11 -3.83 -12.65 19.50
N SER B 12 -3.98 -13.87 20.01
CA SER B 12 -4.20 -14.18 21.43
C SER B 12 -2.88 -14.64 22.05
N ARG B 13 -2.70 -14.43 23.35
CA ARG B 13 -1.42 -14.78 24.05
C ARG B 13 -1.17 -16.30 23.91
N HIS B 14 -2.21 -17.11 24.06
CA HIS B 14 -2.17 -18.59 24.09
C HIS B 14 -2.95 -19.17 22.91
N PRO B 15 -2.57 -20.37 22.43
CA PRO B 15 -3.38 -21.08 21.43
C PRO B 15 -4.84 -21.17 21.90
N ALA B 16 -5.76 -20.50 21.21
CA ALA B 16 -7.15 -20.25 21.65
C ALA B 16 -7.94 -21.57 21.72
N GLU B 17 -9.01 -21.56 22.53
CA GLU B 17 -9.61 -22.79 23.10
C GLU B 17 -10.97 -22.41 23.68
N ASN B 18 -12.05 -22.61 22.91
CA ASN B 18 -13.37 -22.00 23.21
C ASN B 18 -13.80 -22.49 24.60
N GLY B 19 -14.15 -21.58 25.51
CA GLY B 19 -14.54 -21.88 26.90
C GLY B 19 -13.39 -21.69 27.87
N LYS B 20 -12.21 -21.27 27.38
CA LYS B 20 -11.03 -20.94 28.25
C LYS B 20 -10.73 -19.45 28.14
N SER B 21 -10.53 -18.78 29.27
CA SER B 21 -10.07 -17.37 29.30
C SER B 21 -8.63 -17.29 28.70
N ASN B 22 -8.34 -16.20 27.99
CA ASN B 22 -7.07 -15.98 27.25
C ASN B 22 -6.73 -14.48 27.38
N PHE B 23 -5.89 -13.94 26.51
CA PHE B 23 -5.68 -12.48 26.32
C PHE B 23 -5.73 -12.19 24.83
N LEU B 24 -6.57 -11.23 24.37
CA LEU B 24 -6.57 -10.77 22.96
C LEU B 24 -5.60 -9.59 22.85
N ASN B 25 -4.64 -9.68 21.93
CA ASN B 25 -3.51 -8.71 21.75
C ASN B 25 -3.72 -8.04 20.39
N CYS B 26 -3.30 -6.80 20.27
CA CYS B 26 -3.27 -6.06 19.00
C CYS B 26 -1.92 -5.35 18.92
N TYR B 27 -0.99 -5.90 18.16
CA TYR B 27 0.39 -5.38 18.06
C TYR B 27 0.47 -4.47 16.82
N VAL B 28 0.51 -3.16 17.05
CA VAL B 28 0.78 -2.15 16.00
C VAL B 28 2.25 -1.76 16.06
N SER B 29 2.91 -1.68 14.91
CA SER B 29 4.35 -1.33 14.81
C SER B 29 4.62 -0.61 13.48
N GLY B 30 5.88 -0.16 13.30
CA GLY B 30 6.41 0.45 12.07
C GLY B 30 5.82 1.81 11.78
N PHE B 31 5.14 2.47 12.74
CA PHE B 31 4.37 3.73 12.46
C PHE B 31 5.12 4.96 12.99
N HIS B 32 4.75 6.13 12.45
CA HIS B 32 5.34 7.46 12.74
C HIS B 32 4.43 8.54 12.15
N PRO B 33 4.10 9.64 12.89
CA PRO B 33 4.57 9.86 14.26
C PRO B 33 3.88 9.00 15.33
N SER B 34 4.17 9.28 16.60
CA SER B 34 3.76 8.52 17.81
C SER B 34 2.23 8.48 18.02
N ASP B 35 1.51 9.54 17.71
CA ASP B 35 0.06 9.60 18.03
C ASP B 35 -0.62 8.53 17.18
N ILE B 36 -1.48 7.72 17.81
CA ILE B 36 -2.17 6.55 17.18
C ILE B 36 -3.38 6.18 18.03
N GLU B 37 -4.40 5.59 17.43
CA GLU B 37 -5.74 5.37 18.03
C GLU B 37 -6.11 3.93 17.76
N VAL B 38 -6.26 3.13 18.83
CA VAL B 38 -6.36 1.64 18.78
C VAL B 38 -7.53 1.20 19.63
N ASP B 39 -8.37 0.32 19.13
CA ASP B 39 -9.48 -0.24 19.94
C ASP B 39 -9.54 -1.73 19.71
N LEU B 40 -9.95 -2.49 20.73
CA LEU B 40 -10.37 -3.91 20.58
C LEU B 40 -11.91 -3.94 20.45
N LEU B 41 -12.41 -4.63 19.43
CA LEU B 41 -13.87 -4.80 19.17
C LEU B 41 -14.27 -6.23 19.48
N LYS B 42 -15.44 -6.40 20.11
CA LYS B 42 -16.19 -7.67 20.22
C LYS B 42 -17.51 -7.51 19.47
N ASN B 43 -17.81 -8.42 18.54
CA ASN B 43 -19.01 -8.37 17.66
C ASN B 43 -19.32 -6.91 17.33
N GLY B 44 -18.26 -6.11 17.12
CA GLY B 44 -18.34 -4.75 16.56
C GLY B 44 -18.36 -3.64 17.60
N GLU B 45 -18.68 -3.95 18.87
CA GLU B 45 -18.76 -2.94 19.97
C GLU B 45 -17.37 -2.82 20.59
N ARG B 46 -17.03 -1.62 21.09
CA ARG B 46 -15.70 -1.33 21.69
C ARG B 46 -15.62 -2.05 23.05
N ILE B 47 -14.49 -2.66 23.36
CA ILE B 47 -14.14 -3.21 24.70
C ILE B 47 -13.42 -2.10 25.50
N GLU B 48 -13.94 -1.81 26.70
CA GLU B 48 -13.48 -0.69 27.57
C GLU B 48 -12.24 -1.11 28.34
N LYS B 49 -12.31 -2.25 29.05
CA LYS B 49 -11.20 -2.81 29.88
C LYS B 49 -10.06 -3.19 28.94
N VAL B 50 -9.21 -2.23 28.55
CA VAL B 50 -8.14 -2.45 27.53
C VAL B 50 -6.91 -1.60 27.90
N GLU B 51 -5.81 -2.25 28.34
CA GLU B 51 -4.53 -1.56 28.67
C GLU B 51 -3.55 -1.70 27.50
N HIS B 52 -2.32 -1.18 27.68
CA HIS B 52 -1.29 -1.07 26.62
C HIS B 52 0.13 -1.01 27.20
N SER B 53 1.14 -1.43 26.44
CA SER B 53 2.56 -1.21 26.81
C SER B 53 2.89 0.29 26.70
N ASP B 54 4.10 0.65 27.08
CA ASP B 54 4.61 2.05 27.03
C ASP B 54 5.27 2.24 25.67
N LEU B 55 5.08 3.42 25.07
CA LEU B 55 5.63 3.75 23.73
C LEU B 55 7.14 3.50 23.76
N SER B 56 7.65 2.79 22.77
CA SER B 56 9.08 2.50 22.57
C SER B 56 9.24 2.43 21.07
N PHE B 57 10.45 2.20 20.56
CA PHE B 57 10.70 2.24 19.10
C PHE B 57 11.94 1.43 18.71
N SER B 58 12.02 1.20 17.41
CA SER B 58 12.93 0.22 16.74
C SER B 58 14.17 0.90 16.16
N LYS B 59 15.03 0.08 15.51
CA LYS B 59 16.35 0.47 14.95
C LYS B 59 16.21 1.57 13.89
N ASP B 60 15.01 1.80 13.39
CA ASP B 60 14.73 2.83 12.34
C ASP B 60 13.78 3.91 12.88
N TRP B 61 13.66 4.00 14.21
CA TRP B 61 12.95 5.08 14.95
C TRP B 61 11.42 4.94 14.87
N SER B 62 10.91 3.90 14.20
CA SER B 62 9.45 3.65 14.09
C SER B 62 8.96 3.15 15.45
N PHE B 63 7.72 3.45 15.77
CA PHE B 63 7.07 3.17 17.07
C PHE B 63 6.37 1.82 17.00
N TYR B 64 6.03 1.33 18.19
CA TYR B 64 5.34 0.05 18.40
C TYR B 64 4.81 0.00 19.83
N LEU B 65 3.66 -0.64 19.99
CA LEU B 65 2.80 -0.61 21.20
C LEU B 65 2.00 -1.91 21.16
N LEU B 66 1.59 -2.41 22.32
CA LEU B 66 0.69 -3.58 22.42
C LEU B 66 -0.55 -3.18 23.21
N TYR B 67 -1.72 -3.32 22.62
CA TYR B 67 -3.01 -3.27 23.35
C TYR B 67 -3.46 -4.70 23.54
N TYR B 68 -3.95 -4.96 24.75
CA TYR B 68 -4.38 -6.29 25.19
C TYR B 68 -5.54 -6.11 26.14
N THR B 69 -6.39 -7.11 26.18
CA THR B 69 -7.47 -7.28 27.17
C THR B 69 -7.63 -8.76 27.44
N GLU B 70 -8.06 -9.10 28.65
CA GLU B 70 -8.55 -10.44 29.00
C GLU B 70 -9.76 -10.69 28.12
N PHE B 71 -9.96 -11.94 27.67
CA PHE B 71 -11.21 -12.37 27.01
C PHE B 71 -11.30 -13.89 27.01
N THR B 72 -12.52 -14.42 27.04
CA THR B 72 -12.82 -15.88 26.98
C THR B 72 -13.43 -16.20 25.62
N PRO B 73 -12.62 -16.63 24.62
CA PRO B 73 -13.09 -16.80 23.27
C PRO B 73 -14.25 -17.81 23.17
N THR B 74 -14.98 -17.75 22.05
CA THR B 74 -16.05 -18.72 21.69
C THR B 74 -16.12 -18.86 20.16
N GLU B 75 -16.70 -19.99 19.73
CA GLU B 75 -17.16 -20.29 18.35
C GLU B 75 -17.87 -19.04 17.80
N LYS B 76 -18.94 -18.58 18.49
CA LYS B 76 -19.88 -17.53 18.01
C LYS B 76 -19.16 -16.18 17.89
N ASP B 77 -18.55 -15.69 18.98
CA ASP B 77 -18.16 -14.25 19.15
C ASP B 77 -17.09 -13.91 18.11
N GLU B 78 -16.88 -12.62 17.84
CA GLU B 78 -15.99 -12.10 16.78
C GLU B 78 -15.16 -10.92 17.30
N TYR B 79 -13.88 -10.87 16.97
CA TYR B 79 -12.93 -9.89 17.57
C TYR B 79 -12.10 -9.26 16.45
N ALA B 80 -11.86 -7.96 16.60
CA ALA B 80 -11.01 -7.18 15.69
C ALA B 80 -10.25 -6.09 16.46
N CYS B 81 -9.35 -5.41 15.75
CA CYS B 81 -8.67 -4.17 16.20
C CYS B 81 -9.05 -3.07 15.21
N ARG B 82 -9.70 -1.98 15.66
CA ARG B 82 -9.67 -0.64 14.98
C ARG B 82 -8.32 0.01 15.29
N VAL B 83 -7.58 0.41 14.25
CA VAL B 83 -6.38 1.27 14.38
C VAL B 83 -6.57 2.44 13.41
N ASN B 84 -6.65 3.66 13.95
CA ASN B 84 -6.54 4.92 13.15
C ASN B 84 -5.20 5.60 13.39
N HIS B 85 -4.75 6.32 12.39
CA HIS B 85 -3.42 6.96 12.35
C HIS B 85 -3.44 7.99 11.22
N VAL B 86 -2.75 9.10 11.38
CA VAL B 86 -2.75 10.24 10.38
C VAL B 86 -2.51 9.68 9.00
N THR B 87 -1.80 8.58 8.85
CA THR B 87 -1.41 8.05 7.53
C THR B 87 -2.54 7.20 6.93
N LEU B 88 -3.70 7.11 7.58
CA LEU B 88 -4.83 6.28 7.11
C LEU B 88 -6.01 7.17 6.72
N SER B 89 -6.64 6.87 5.58
CA SER B 89 -7.82 7.61 5.06
C SER B 89 -9.05 7.23 5.89
N GLN B 90 -9.21 5.96 6.22
CA GLN B 90 -10.25 5.52 7.18
C GLN B 90 -9.65 4.42 8.05
N PRO B 91 -10.22 4.17 9.24
CA PRO B 91 -9.49 3.42 10.28
C PRO B 91 -9.43 1.97 9.80
N LYS B 92 -8.34 1.23 10.09
CA LYS B 92 -8.17 -0.15 9.56
C LYS B 92 -8.82 -1.13 10.54
N ILE B 93 -9.60 -2.09 10.02
CA ILE B 93 -10.22 -3.15 10.85
C ILE B 93 -9.64 -4.52 10.43
N VAL B 94 -8.59 -5.01 11.15
CA VAL B 94 -8.10 -6.41 11.04
C VAL B 94 -8.86 -7.30 12.05
N LYS B 95 -9.64 -8.28 11.52
CA LYS B 95 -10.40 -9.30 12.27
C LYS B 95 -9.44 -10.36 12.85
N TRP B 96 -9.75 -10.88 14.04
CA TRP B 96 -8.91 -11.89 14.72
C TRP B 96 -9.06 -13.23 14.00
N ASP B 97 -7.95 -13.85 13.63
CA ASP B 97 -7.93 -15.21 13.03
C ASP B 97 -6.98 -16.08 13.85
N ARG B 98 -7.52 -17.03 14.62
CA ARG B 98 -6.78 -17.81 15.64
C ARG B 98 -5.67 -18.65 14.97
N ASP B 99 -5.69 -18.76 13.63
CA ASP B 99 -4.60 -19.22 12.72
C ASP B 99 -4.54 -20.76 12.68
N MET B 100 -5.73 -21.40 12.76
CA MET B 100 -6.04 -22.76 13.37
C MET B 100 -5.57 -23.94 12.51
N LEU C 1 20.98 2.24 35.43
CA LEU C 1 21.04 3.67 35.88
C LEU C 1 21.07 4.57 34.62
N LEU C 2 20.08 5.47 34.49
CA LEU C 2 20.11 6.58 33.48
C LEU C 2 21.50 7.27 33.49
N GLY C 3 21.97 7.67 32.31
CA GLY C 3 23.11 8.60 32.17
C GLY C 3 22.78 9.99 32.75
N TRP C 4 23.72 10.91 32.60
CA TRP C 4 23.83 12.16 33.38
C TRP C 4 24.56 13.22 32.58
N VAL C 5 24.75 12.98 31.29
CA VAL C 5 25.37 13.96 30.37
C VAL C 5 24.25 14.70 29.65
N PHE C 6 23.95 15.91 30.10
CA PHE C 6 22.91 16.80 29.54
C PHE C 6 23.57 17.89 28.74
N ALA C 7 23.42 17.83 27.43
CA ALA C 7 24.11 18.70 26.45
C ALA C 7 23.26 18.69 25.18
N GLN C 8 23.18 19.84 24.49
CA GLN C 8 21.94 20.30 23.82
C GLN C 8 22.28 20.88 22.44
N VAL C 9 21.35 20.81 21.51
CA VAL C 9 21.68 20.86 20.06
C VAL C 9 21.99 22.32 19.66
N GLY D 1 -29.66 3.13 -25.55
CA GLY D 1 -29.43 4.20 -24.54
C GLY D 1 -28.77 5.41 -25.18
N SER D 2 -28.10 6.22 -24.35
CA SER D 2 -27.12 7.25 -24.77
C SER D 2 -25.99 6.59 -25.55
N HIS D 3 -25.17 7.38 -26.27
CA HIS D 3 -23.87 6.96 -26.87
C HIS D 3 -22.89 8.13 -26.88
N SER D 4 -21.62 7.85 -27.12
CA SER D 4 -20.49 8.79 -26.97
C SER D 4 -19.53 8.57 -28.12
N MET D 5 -18.73 9.59 -28.44
CA MET D 5 -17.45 9.46 -29.19
C MET D 5 -16.40 10.16 -28.34
N ARG D 6 -15.26 9.52 -28.11
CA ARG D 6 -14.18 10.11 -27.35
C ARG D 6 -12.88 9.86 -28.12
N TYR D 7 -12.04 10.89 -28.20
CA TYR D 7 -10.67 10.81 -28.72
C TYR D 7 -9.71 11.15 -27.58
N PHE D 8 -8.81 10.20 -27.27
CA PHE D 8 -7.83 10.22 -26.16
C PHE D 8 -6.40 10.32 -26.71
N PHE D 9 -5.65 11.34 -26.28
CA PHE D 9 -4.31 11.65 -26.86
C PHE D 9 -3.29 11.73 -25.75
N THR D 10 -2.15 11.08 -25.93
CA THR D 10 -1.08 11.00 -24.90
C THR D 10 0.25 11.36 -25.58
N SER D 11 0.96 12.37 -25.06
CA SER D 11 2.29 12.80 -25.56
C SER D 11 3.27 12.75 -24.39
N VAL D 12 4.42 12.06 -24.57
CA VAL D 12 5.42 11.78 -23.47
C VAL D 12 6.81 12.09 -23.98
N SER D 13 7.51 13.04 -23.35
CA SER D 13 8.81 13.55 -23.86
C SER D 13 9.94 12.60 -23.40
N ARG D 14 10.83 12.25 -24.33
CA ARG D 14 12.06 11.51 -24.06
C ARG D 14 13.22 12.45 -24.33
N PRO D 15 13.39 13.46 -23.46
CA PRO D 15 14.17 14.68 -23.75
C PRO D 15 15.14 14.69 -24.96
N GLY D 16 16.16 13.83 -24.97
CA GLY D 16 17.16 13.77 -26.08
C GLY D 16 17.36 12.33 -26.53
N ARG D 17 16.26 11.58 -26.59
CA ARG D 17 16.25 10.14 -26.92
C ARG D 17 15.16 9.95 -27.96
N GLY D 18 15.22 10.78 -29.01
CA GLY D 18 14.18 10.90 -30.05
C GLY D 18 13.18 12.00 -29.71
N GLU D 19 11.96 11.87 -30.25
CA GLU D 19 10.84 12.83 -30.15
C GLU D 19 9.70 12.24 -29.32
N PRO D 20 8.85 13.09 -28.69
CA PRO D 20 7.89 12.62 -27.71
C PRO D 20 7.03 11.48 -28.27
N ARG D 21 6.87 10.40 -27.51
CA ARG D 21 5.98 9.27 -27.89
C ARG D 21 4.55 9.83 -27.88
N PHE D 22 3.90 9.85 -29.03
CA PHE D 22 2.52 10.38 -29.20
C PHE D 22 1.61 9.21 -29.52
N ILE D 23 0.55 9.03 -28.73
CA ILE D 23 -0.43 7.93 -28.92
C ILE D 23 -1.84 8.48 -28.80
N ALA D 24 -2.66 8.16 -29.81
CA ALA D 24 -4.02 8.67 -29.96
C ALA D 24 -4.92 7.47 -30.21
N VAL D 25 -6.06 7.38 -29.52
CA VAL D 25 -7.13 6.38 -29.86
C VAL D 25 -8.49 7.06 -29.93
N GLY D 26 -9.40 6.53 -30.74
CA GLY D 26 -10.82 6.91 -30.80
C GLY D 26 -11.67 5.74 -30.36
N TYR D 27 -12.90 6.04 -29.90
CA TYR D 27 -13.85 5.09 -29.28
C TYR D 27 -15.26 5.53 -29.59
N VAL D 28 -16.15 4.61 -30.03
CA VAL D 28 -17.63 4.85 -29.92
C VAL D 28 -18.15 4.00 -28.77
N ASP D 29 -18.85 4.63 -27.83
CA ASP D 29 -19.15 4.09 -26.47
C ASP D 29 -17.90 3.36 -25.96
N ASP D 30 -17.88 2.01 -25.94
CA ASP D 30 -16.77 1.23 -25.30
C ASP D 30 -16.08 0.35 -26.37
N THR D 31 -16.18 0.75 -27.64
CA THR D 31 -15.52 0.11 -28.80
C THR D 31 -14.48 1.09 -29.38
N GLN D 32 -13.22 0.70 -29.41
CA GLN D 32 -12.14 1.44 -30.11
C GLN D 32 -12.44 1.30 -31.59
N PHE D 33 -12.07 2.27 -32.43
CA PHE D 33 -12.05 2.03 -33.90
C PHE D 33 -10.89 2.73 -34.59
N VAL D 34 -10.12 3.59 -33.93
CA VAL D 34 -8.88 4.14 -34.56
C VAL D 34 -7.74 4.16 -33.55
N ARG D 35 -6.48 4.08 -34.01
CA ARG D 35 -5.30 4.50 -33.24
C ARG D 35 -4.26 5.16 -34.15
N PHE D 36 -3.30 5.88 -33.56
CA PHE D 36 -2.07 6.38 -34.21
C PHE D 36 -0.97 6.39 -33.17
N ASP D 37 0.19 5.82 -33.49
CA ASP D 37 1.43 5.73 -32.68
C ASP D 37 2.55 6.41 -33.47
N SER D 38 3.22 7.37 -32.85
CA SER D 38 4.40 8.05 -33.42
C SER D 38 5.47 7.06 -33.89
N ASP D 39 5.78 6.02 -33.08
CA ASP D 39 6.89 5.04 -33.37
C ASP D 39 6.47 4.07 -34.48
N ALA D 40 5.15 3.87 -34.72
CA ALA D 40 4.64 2.91 -35.73
C ALA D 40 5.13 3.32 -37.12
N ALA D 41 5.50 2.34 -37.95
CA ALA D 41 6.08 2.54 -39.30
C ALA D 41 5.04 3.17 -40.23
N SER D 42 3.77 2.80 -40.11
CA SER D 42 2.68 3.28 -40.99
C SER D 42 2.75 4.81 -41.11
N GLN D 43 2.82 5.50 -39.97
CA GLN D 43 2.59 6.97 -39.84
C GLN D 43 1.26 7.33 -40.54
N ARG D 44 0.31 6.39 -40.52
CA ARG D 44 -1.12 6.57 -40.88
C ARG D 44 -1.97 6.47 -39.61
N MET D 45 -3.17 7.07 -39.62
CA MET D 45 -4.30 6.73 -38.71
C MET D 45 -4.90 5.42 -39.22
N GLU D 46 -5.25 4.52 -38.31
CA GLU D 46 -5.40 3.09 -38.60
C GLU D 46 -6.70 2.58 -38.02
N PRO D 47 -7.40 1.69 -38.74
CA PRO D 47 -8.62 1.05 -38.22
C PRO D 47 -8.35 -0.01 -37.16
N ARG D 48 -9.26 -0.11 -36.18
CA ARG D 48 -9.25 -1.15 -35.13
C ARG D 48 -10.65 -1.77 -35.00
N ALA D 49 -11.55 -1.43 -35.92
CA ALA D 49 -12.88 -2.05 -36.00
C ALA D 49 -13.26 -2.24 -37.47
N PRO D 50 -13.90 -3.39 -37.78
CA PRO D 50 -14.42 -3.66 -39.12
C PRO D 50 -15.27 -2.55 -39.75
N TRP D 51 -16.16 -1.94 -38.97
CA TRP D 51 -17.15 -1.00 -39.52
C TRP D 51 -16.42 0.20 -40.15
N ILE D 52 -15.37 0.73 -39.51
CA ILE D 52 -14.66 1.95 -39.98
C ILE D 52 -13.83 1.67 -41.25
N GLU D 53 -13.51 0.39 -41.52
CA GLU D 53 -12.62 0.03 -42.66
C GLU D 53 -13.31 0.48 -43.95
N GLN D 54 -14.64 0.46 -43.96
CA GLN D 54 -15.50 0.70 -45.17
C GLN D 54 -15.38 2.17 -45.62
N GLU D 55 -14.80 3.08 -44.82
CA GLU D 55 -14.49 4.48 -45.23
C GLU D 55 -13.35 4.49 -46.26
N GLY D 56 -13.40 5.41 -47.23
CA GLY D 56 -12.40 5.56 -48.30
C GLY D 56 -11.23 6.43 -47.87
N PRO D 57 -10.24 6.66 -48.77
CA PRO D 57 -8.94 7.19 -48.39
C PRO D 57 -8.91 8.68 -47.98
N GLU D 58 -9.93 9.48 -48.34
CA GLU D 58 -10.00 10.91 -47.88
C GLU D 58 -10.26 10.92 -46.36
N TYR D 59 -11.12 10.03 -45.87
CA TYR D 59 -11.32 9.84 -44.41
C TYR D 59 -9.98 9.47 -43.78
N TRP D 60 -9.18 8.64 -44.46
CA TRP D 60 -7.88 8.13 -43.94
C TRP D 60 -6.79 9.20 -44.08
N ASP D 61 -6.63 9.76 -45.27
CA ASP D 61 -5.75 10.93 -45.54
C ASP D 61 -5.90 12.02 -44.46
N GLY D 62 -7.13 12.47 -44.20
CA GLY D 62 -7.42 13.68 -43.40
C GLY D 62 -7.25 13.42 -41.92
N GLU D 63 -7.70 12.26 -41.48
CA GLU D 63 -7.48 11.75 -40.10
C GLU D 63 -5.99 11.68 -39.81
N THR D 64 -5.19 11.17 -40.74
CA THR D 64 -3.72 11.10 -40.63
C THR D 64 -3.19 12.53 -40.47
N ARG D 65 -3.60 13.44 -41.35
CA ARG D 65 -3.09 14.84 -41.42
C ARG D 65 -3.43 15.55 -40.12
N LYS D 66 -4.66 15.41 -39.66
CA LYS D 66 -5.16 16.09 -38.43
C LYS D 66 -4.40 15.54 -37.23
N VAL D 67 -4.25 14.22 -37.12
CA VAL D 67 -3.65 13.57 -35.92
C VAL D 67 -2.13 13.92 -35.86
N LYS D 68 -1.49 14.08 -37.01
CA LYS D 68 -0.09 14.61 -37.08
C LYS D 68 -0.06 16.05 -36.54
N ALA D 69 -1.12 16.81 -36.77
CA ALA D 69 -1.31 18.18 -36.22
C ALA D 69 -1.41 18.12 -34.68
N HIS D 70 -2.18 17.21 -34.11
CA HIS D 70 -2.40 17.15 -32.63
C HIS D 70 -1.01 16.85 -32.01
N SER D 71 -0.25 16.00 -32.70
CA SER D 71 1.08 15.55 -32.26
C SER D 71 2.00 16.75 -32.11
N GLN D 72 2.22 17.50 -33.20
CA GLN D 72 3.05 18.74 -33.23
C GLN D 72 2.57 19.74 -32.15
N THR D 73 1.24 19.86 -31.98
CA THR D 73 0.63 20.76 -30.98
C THR D 73 1.04 20.31 -29.58
N HIS D 74 0.90 19.01 -29.26
CA HIS D 74 1.42 18.40 -28.01
C HIS D 74 2.91 18.67 -27.91
N ARG D 75 3.62 18.41 -29.01
CA ARG D 75 5.10 18.48 -29.12
C ARG D 75 5.58 19.90 -28.78
N VAL D 76 4.74 20.92 -29.00
CA VAL D 76 5.03 22.35 -28.67
C VAL D 76 4.66 22.63 -27.22
N ASP D 77 3.49 22.11 -26.78
CA ASP D 77 2.91 22.47 -25.46
C ASP D 77 3.85 21.96 -24.35
N LEU D 78 4.51 20.83 -24.56
CA LEU D 78 5.50 20.29 -23.59
C LEU D 78 6.63 21.31 -23.40
N GLY D 79 7.19 21.79 -24.51
CA GLY D 79 8.26 22.80 -24.52
C GLY D 79 7.84 24.09 -23.84
N THR D 80 6.55 24.44 -23.94
CA THR D 80 5.96 25.67 -23.37
C THR D 80 5.65 25.47 -21.88
N LEU D 81 5.25 24.27 -21.49
CA LEU D 81 4.90 23.97 -20.08
C LEU D 81 6.17 23.87 -19.22
N ARG D 82 7.30 23.50 -19.83
CA ARG D 82 8.66 23.48 -19.19
C ARG D 82 8.98 24.90 -18.67
N GLY D 83 8.88 25.89 -19.58
CA GLY D 83 8.89 27.33 -19.24
C GLY D 83 7.90 27.66 -18.13
N TYR D 84 6.59 27.70 -18.45
CA TYR D 84 5.56 28.20 -17.50
C TYR D 84 5.89 27.69 -16.09
N TYR D 85 6.26 26.41 -15.94
CA TYR D 85 6.48 25.76 -14.61
C TYR D 85 7.95 25.85 -14.22
N ASN D 86 8.79 26.30 -15.15
CA ASN D 86 10.24 26.56 -14.93
C ASN D 86 10.92 25.24 -14.56
N GLN D 87 10.63 24.17 -15.31
CA GLN D 87 11.23 22.83 -15.14
C GLN D 87 12.42 22.72 -16.08
N SER D 88 12.92 21.49 -16.30
CA SER D 88 14.28 21.18 -16.81
C SER D 88 14.17 20.40 -18.14
N GLU D 89 15.05 20.75 -19.10
CA GLU D 89 15.28 20.02 -20.39
C GLU D 89 15.29 18.50 -20.13
N ALA D 90 15.82 18.07 -18.97
CA ALA D 90 16.20 16.67 -18.66
C ALA D 90 14.97 15.84 -18.24
N GLY D 91 14.15 16.33 -17.30
CA GLY D 91 12.87 15.70 -16.92
C GLY D 91 12.06 15.32 -18.15
N SER D 92 11.63 14.06 -18.25
CA SER D 92 10.50 13.62 -19.12
C SER D 92 9.15 13.95 -18.43
N HIS D 93 8.27 14.71 -19.11
CA HIS D 93 6.88 15.02 -18.64
C HIS D 93 5.85 14.46 -19.63
N THR D 94 4.55 14.62 -19.33
CA THR D 94 3.41 14.00 -20.09
C THR D 94 2.29 15.02 -20.28
N VAL D 95 1.61 15.02 -21.44
CA VAL D 95 0.37 15.81 -21.69
C VAL D 95 -0.66 14.87 -22.25
N GLN D 96 -1.89 14.99 -21.81
CA GLN D 96 -3.04 14.15 -22.27
C GLN D 96 -4.23 15.09 -22.53
N ARG D 97 -4.85 14.93 -23.70
CA ARG D 97 -6.05 15.67 -24.17
C ARG D 97 -7.19 14.63 -24.37
N MET D 98 -8.39 14.98 -23.94
CA MET D 98 -9.59 14.10 -24.00
C MET D 98 -10.79 14.99 -24.38
N TYR D 99 -11.50 14.60 -25.41
CA TYR D 99 -12.65 15.37 -25.96
C TYR D 99 -13.55 14.43 -26.74
N GLY D 100 -14.80 14.81 -26.80
CA GLY D 100 -15.85 14.08 -27.51
C GLY D 100 -17.21 14.61 -27.15
N CYS D 101 -18.25 13.82 -27.43
CA CYS D 101 -19.68 14.23 -27.38
C CYS D 101 -20.48 13.06 -26.80
N ASP D 102 -21.58 13.33 -26.13
CA ASP D 102 -22.60 12.29 -25.75
C ASP D 102 -23.93 12.69 -26.43
N VAL D 103 -24.65 11.72 -27.01
CA VAL D 103 -26.01 11.93 -27.59
C VAL D 103 -26.99 10.98 -26.88
N GLY D 104 -28.24 11.41 -26.69
CA GLY D 104 -29.31 10.67 -26.00
C GLY D 104 -29.91 9.58 -26.87
N SER D 105 -30.76 8.73 -26.27
CA SER D 105 -31.37 7.55 -26.93
C SER D 105 -31.95 7.96 -28.29
N ASP D 106 -32.48 9.22 -28.36
CA ASP D 106 -33.11 9.80 -29.58
C ASP D 106 -32.04 10.46 -30.48
N TRP D 107 -30.79 10.50 -30.03
CA TRP D 107 -29.53 10.81 -30.79
C TRP D 107 -29.21 12.31 -30.78
N ARG D 108 -30.03 13.14 -30.11
CA ARG D 108 -29.76 14.61 -29.98
C ARG D 108 -28.46 14.78 -29.17
N PHE D 109 -27.77 15.89 -29.36
CA PHE D 109 -26.68 16.39 -28.47
C PHE D 109 -27.10 16.28 -27.00
N LEU D 110 -26.16 15.84 -26.15
CA LEU D 110 -26.32 15.80 -24.69
C LEU D 110 -25.23 16.70 -24.08
N ARG D 111 -23.96 16.37 -24.30
CA ARG D 111 -22.82 17.25 -23.93
C ARG D 111 -21.63 16.98 -24.85
N GLY D 112 -20.78 17.99 -24.99
CA GLY D 112 -19.38 17.90 -25.41
C GLY D 112 -18.45 18.31 -24.27
N TYR D 113 -17.22 17.81 -24.33
CA TYR D 113 -16.16 18.08 -23.35
C TYR D 113 -14.81 18.07 -24.05
N HIS D 114 -13.86 18.68 -23.37
CA HIS D 114 -12.52 18.95 -23.91
C HIS D 114 -11.58 19.23 -22.75
N GLN D 115 -10.83 18.22 -22.34
CA GLN D 115 -10.02 18.22 -21.10
C GLN D 115 -8.52 18.07 -21.47
N TYR D 116 -7.67 18.85 -20.78
CA TYR D 116 -6.19 18.83 -20.92
C TYR D 116 -5.52 18.67 -19.55
N ALA D 117 -4.64 17.66 -19.41
CA ALA D 117 -3.86 17.41 -18.16
C ALA D 117 -2.38 17.43 -18.51
N TYR D 118 -1.56 18.12 -17.67
CA TYR D 118 -0.08 18.08 -17.59
C TYR D 118 0.36 17.24 -16.38
N ASP D 119 1.30 16.31 -16.64
CA ASP D 119 1.97 15.49 -15.60
C ASP D 119 0.93 14.98 -14.63
N GLY D 120 -0.12 14.37 -15.17
CA GLY D 120 -1.13 13.60 -14.42
C GLY D 120 -2.18 14.49 -13.82
N LYS D 121 -2.13 15.82 -14.07
CA LYS D 121 -3.01 16.78 -13.37
C LYS D 121 -3.78 17.64 -14.37
N ASP D 122 -5.05 17.86 -14.09
CA ASP D 122 -5.95 18.83 -14.74
C ASP D 122 -5.21 20.15 -15.01
N TYR D 123 -5.22 20.61 -16.26
CA TYR D 123 -4.57 21.86 -16.67
C TYR D 123 -5.62 22.88 -17.11
N ILE D 124 -6.44 22.52 -18.08
CA ILE D 124 -7.54 23.39 -18.57
C ILE D 124 -8.63 22.52 -19.19
N ALA D 125 -9.87 22.94 -19.02
CA ALA D 125 -11.06 22.21 -19.48
C ALA D 125 -12.14 23.22 -19.86
N LEU D 126 -12.67 23.05 -21.06
CA LEU D 126 -13.91 23.66 -21.54
C LEU D 126 -15.01 23.39 -20.50
N LYS D 127 -15.68 24.43 -19.98
CA LYS D 127 -16.91 24.29 -19.17
C LYS D 127 -18.00 23.69 -20.06
N GLU D 128 -19.16 23.35 -19.48
CA GLU D 128 -20.22 22.60 -20.21
C GLU D 128 -20.89 23.52 -21.25
N ASP D 129 -20.97 24.83 -20.96
CA ASP D 129 -21.53 25.87 -21.87
C ASP D 129 -20.78 25.85 -23.22
N LEU D 130 -19.51 25.45 -23.22
CA LEU D 130 -18.58 25.46 -24.40
C LEU D 130 -18.31 26.90 -24.83
N ARG D 131 -18.41 27.84 -23.90
CA ARG D 131 -18.17 29.28 -24.17
C ARG D 131 -17.07 29.80 -23.22
N SER D 132 -16.51 28.95 -22.36
CA SER D 132 -15.59 29.37 -21.28
C SER D 132 -14.72 28.20 -20.77
N TRP D 133 -13.85 28.48 -19.80
CA TRP D 133 -12.65 27.67 -19.48
C TRP D 133 -12.46 27.59 -17.96
N THR D 134 -12.23 26.40 -17.40
CA THR D 134 -11.73 26.21 -16.01
C THR D 134 -10.23 25.97 -16.05
N ALA D 135 -9.45 26.89 -15.48
CA ALA D 135 -7.97 26.81 -15.36
C ALA D 135 -7.63 26.18 -14.02
N ALA D 136 -6.70 25.21 -13.98
CA ALA D 136 -6.33 24.44 -12.77
C ALA D 136 -5.42 25.26 -11.84
N ASP D 137 -4.80 26.31 -12.39
CA ASP D 137 -3.73 27.09 -11.72
C ASP D 137 -3.43 28.33 -12.55
N MET D 138 -2.32 29.00 -12.26
CA MET D 138 -2.02 30.34 -12.83
C MET D 138 -1.45 30.20 -14.23
N ALA D 139 -0.68 29.15 -14.52
CA ALA D 139 -0.23 28.83 -15.89
C ALA D 139 -1.46 28.81 -16.81
N ALA D 140 -2.44 27.97 -16.50
CA ALA D 140 -3.69 27.83 -17.26
C ALA D 140 -4.37 29.19 -17.48
N GLN D 141 -4.48 30.04 -16.45
CA GLN D 141 -5.04 31.41 -16.57
C GLN D 141 -4.50 32.05 -17.86
N THR D 142 -3.18 32.22 -17.93
CA THR D 142 -2.45 32.71 -19.13
C THR D 142 -2.98 31.98 -20.37
N THR D 143 -2.92 30.65 -20.43
CA THR D 143 -3.43 29.85 -21.58
C THR D 143 -4.88 30.22 -21.88
N LYS D 144 -5.76 30.18 -20.88
CA LYS D 144 -7.22 30.51 -21.01
C LYS D 144 -7.38 31.87 -21.71
N HIS D 145 -6.52 32.84 -21.37
CA HIS D 145 -6.55 34.24 -21.85
C HIS D 145 -5.98 34.33 -23.28
N LYS D 146 -5.20 33.33 -23.71
CA LYS D 146 -4.75 33.21 -25.12
C LYS D 146 -5.89 32.60 -25.93
N TRP D 147 -6.67 31.74 -25.29
CA TRP D 147 -7.72 30.95 -25.97
C TRP D 147 -9.00 31.78 -26.03
N GLU D 148 -9.23 32.63 -25.03
CA GLU D 148 -10.30 33.66 -25.04
C GLU D 148 -10.11 34.62 -26.22
N ALA D 149 -8.92 35.19 -26.35
CA ALA D 149 -8.61 36.28 -27.32
C ALA D 149 -8.56 35.75 -28.77
N ALA D 150 -8.48 34.44 -28.99
CA ALA D 150 -8.38 33.80 -30.34
C ALA D 150 -9.65 32.96 -30.66
N HIS D 151 -10.65 32.96 -29.77
CA HIS D 151 -12.02 32.45 -30.04
C HIS D 151 -12.01 30.92 -30.17
N VAL D 152 -11.30 30.20 -29.27
CA VAL D 152 -11.06 28.72 -29.36
C VAL D 152 -12.33 27.96 -28.95
N ALA D 153 -12.99 28.39 -27.89
CA ALA D 153 -14.27 27.82 -27.40
C ALA D 153 -15.28 27.68 -28.55
N GLU D 154 -15.52 28.79 -29.25
CA GLU D 154 -16.41 28.89 -30.43
C GLU D 154 -16.02 27.81 -31.46
N GLN D 155 -14.73 27.68 -31.78
CA GLN D 155 -14.22 26.75 -32.84
C GLN D 155 -14.51 25.34 -32.35
N LEU D 156 -14.09 25.03 -31.10
CA LEU D 156 -14.36 23.76 -30.37
C LEU D 156 -15.88 23.46 -30.35
N ARG D 157 -16.71 24.45 -29.91
CA ARG D 157 -18.20 24.30 -29.76
C ARG D 157 -18.78 23.81 -31.09
N ALA D 158 -18.15 24.20 -32.21
CA ALA D 158 -18.67 23.94 -33.58
C ALA D 158 -18.43 22.49 -33.98
N TYR D 159 -17.22 21.98 -33.62
CA TYR D 159 -16.88 20.53 -33.69
C TYR D 159 -17.84 19.74 -32.80
N LEU D 160 -17.80 19.97 -31.47
CA LEU D 160 -18.55 19.11 -30.50
C LEU D 160 -20.04 19.13 -30.84
N GLU D 161 -20.68 20.29 -30.94
CA GLU D 161 -22.14 20.37 -31.16
C GLU D 161 -22.50 19.89 -32.55
N GLY D 162 -21.55 20.01 -33.52
CA GLY D 162 -21.77 19.72 -34.93
C GLY D 162 -21.12 18.43 -35.38
N THR D 163 -19.94 18.53 -36.02
CA THR D 163 -19.33 17.37 -36.72
C THR D 163 -19.38 16.15 -35.81
N CYS D 164 -18.75 16.25 -34.62
CA CYS D 164 -18.72 15.18 -33.59
C CYS D 164 -20.01 14.37 -33.61
N VAL D 165 -21.15 15.04 -33.48
CA VAL D 165 -22.47 14.39 -33.24
C VAL D 165 -22.94 13.72 -34.54
N GLU D 166 -22.64 14.30 -35.70
CA GLU D 166 -23.17 13.78 -36.98
C GLU D 166 -22.27 12.62 -37.42
N TRP D 167 -21.06 12.57 -36.95
CA TRP D 167 -20.13 11.46 -37.27
C TRP D 167 -20.37 10.30 -36.29
N LEU D 168 -20.56 10.62 -35.00
CA LEU D 168 -21.04 9.66 -33.97
C LEU D 168 -22.13 8.82 -34.58
N ARG D 169 -23.18 9.48 -35.06
CA ARG D 169 -24.39 8.85 -35.59
C ARG D 169 -23.97 7.97 -36.76
N ARG D 170 -23.17 8.55 -37.66
CA ARG D 170 -22.71 7.89 -38.91
C ARG D 170 -22.20 6.53 -38.48
N TYR D 171 -21.16 6.56 -37.63
CA TYR D 171 -20.45 5.39 -37.10
C TYR D 171 -21.45 4.40 -36.48
N LEU D 172 -22.39 4.91 -35.69
CA LEU D 172 -23.46 4.15 -34.96
C LEU D 172 -24.35 3.37 -35.95
N GLU D 173 -24.68 3.97 -37.11
CA GLU D 173 -25.51 3.33 -38.15
C GLU D 173 -24.67 2.29 -38.86
N ASN D 174 -23.40 2.61 -39.12
CA ASN D 174 -22.48 1.77 -39.95
C ASN D 174 -21.96 0.58 -39.15
N GLY D 175 -21.83 0.70 -37.83
CA GLY D 175 -21.52 -0.44 -36.94
C GLY D 175 -22.75 -0.86 -36.12
N LYS D 176 -23.96 -0.86 -36.70
CA LYS D 176 -25.18 -1.11 -35.86
C LYS D 176 -25.21 -2.57 -35.34
N GLU D 177 -24.62 -3.52 -36.07
CA GLU D 177 -24.41 -4.93 -35.62
C GLU D 177 -23.48 -4.96 -34.39
N THR D 178 -22.51 -4.07 -34.34
CA THR D 178 -21.49 -3.95 -33.25
C THR D 178 -22.01 -3.01 -32.16
N LEU D 179 -22.20 -1.73 -32.48
CA LEU D 179 -22.33 -0.61 -31.53
C LEU D 179 -23.73 -0.59 -30.89
N GLN D 180 -24.77 -1.03 -31.62
CA GLN D 180 -26.17 -0.93 -31.15
C GLN D 180 -26.71 -2.32 -30.77
N ARG D 181 -25.84 -3.20 -30.26
CA ARG D 181 -26.25 -4.43 -29.53
C ARG D 181 -26.10 -4.14 -28.03
N THR D 182 -27.05 -4.62 -27.21
CA THR D 182 -26.98 -4.56 -25.74
C THR D 182 -26.89 -5.98 -25.21
N ASP D 183 -25.66 -6.45 -25.01
CA ASP D 183 -25.32 -7.82 -24.55
C ASP D 183 -25.47 -7.85 -23.03
N ALA D 184 -26.52 -8.52 -22.54
CA ALA D 184 -26.89 -8.60 -21.12
C ALA D 184 -25.97 -9.60 -20.45
N PRO D 185 -25.52 -9.33 -19.21
CA PRO D 185 -24.57 -10.19 -18.54
C PRO D 185 -25.06 -11.64 -18.38
N LYS D 186 -24.13 -12.60 -18.57
CA LYS D 186 -24.23 -14.00 -18.10
C LYS D 186 -23.62 -14.07 -16.69
N THR D 187 -24.49 -14.19 -15.69
CA THR D 187 -24.19 -14.10 -14.23
C THR D 187 -24.18 -15.51 -13.65
N HIS D 188 -23.33 -15.78 -12.64
CA HIS D 188 -23.49 -16.92 -11.72
C HIS D 188 -22.83 -16.57 -10.37
N MET D 189 -23.06 -17.41 -9.36
CA MET D 189 -22.42 -17.27 -8.02
C MET D 189 -21.44 -18.44 -7.82
N THR D 190 -20.40 -18.22 -7.02
CA THR D 190 -19.46 -19.27 -6.54
C THR D 190 -19.18 -19.10 -5.05
N HIS D 191 -18.55 -20.11 -4.44
CA HIS D 191 -18.42 -20.28 -2.97
C HIS D 191 -17.03 -20.85 -2.66
N HIS D 192 -16.29 -20.21 -1.76
CA HIS D 192 -15.03 -20.75 -1.18
C HIS D 192 -15.09 -20.64 0.35
N ALA D 193 -14.75 -21.72 1.05
CA ALA D 193 -14.45 -21.73 2.50
C ALA D 193 -13.13 -21.01 2.73
N VAL D 194 -13.17 -19.77 3.24
CA VAL D 194 -11.95 -18.98 3.63
C VAL D 194 -11.38 -19.56 4.94
N SER D 195 -12.20 -19.72 5.98
CA SER D 195 -11.79 -20.25 7.32
C SER D 195 -12.85 -21.21 7.87
N ASP D 196 -12.66 -21.70 9.11
CA ASP D 196 -13.64 -22.57 9.82
C ASP D 196 -15.04 -21.93 9.72
N HIS D 197 -15.14 -20.68 10.16
CA HIS D 197 -16.40 -20.03 10.61
C HIS D 197 -17.04 -19.27 9.47
N GLU D 198 -16.32 -19.07 8.36
CA GLU D 198 -16.65 -18.05 7.34
C GLU D 198 -16.37 -18.55 5.91
N ALA D 199 -16.97 -17.89 4.92
CA ALA D 199 -16.84 -18.23 3.48
C ALA D 199 -17.09 -16.98 2.63
N THR D 200 -16.53 -16.99 1.40
CA THR D 200 -16.68 -15.93 0.36
C THR D 200 -17.77 -16.36 -0.62
N LEU D 201 -18.78 -15.53 -0.85
CA LEU D 201 -19.62 -15.54 -2.08
C LEU D 201 -19.01 -14.58 -3.09
N ARG D 202 -18.74 -15.06 -4.31
CA ARG D 202 -18.36 -14.19 -5.44
C ARG D 202 -19.50 -14.20 -6.45
N CYS D 203 -20.02 -13.00 -6.76
CA CYS D 203 -21.04 -12.76 -7.78
C CYS D 203 -20.40 -12.27 -9.07
N TRP D 204 -20.51 -13.08 -10.13
CA TRP D 204 -19.89 -12.90 -11.47
C TRP D 204 -20.86 -12.26 -12.46
N ALA D 205 -20.44 -11.21 -13.18
CA ALA D 205 -21.01 -10.82 -14.49
C ALA D 205 -19.96 -11.02 -15.59
N LEU D 206 -20.32 -11.70 -16.69
CA LEU D 206 -19.42 -11.99 -17.85
C LEU D 206 -20.20 -11.72 -19.16
N SER D 207 -19.47 -11.45 -20.26
CA SER D 207 -19.95 -11.42 -21.66
C SER D 207 -21.03 -10.34 -21.85
N PHE D 208 -20.97 -9.24 -21.08
CA PHE D 208 -21.89 -8.08 -21.20
C PHE D 208 -21.19 -6.92 -21.96
N TYR D 209 -22.03 -6.05 -22.55
CA TYR D 209 -21.66 -4.80 -23.28
C TYR D 209 -22.85 -3.87 -23.18
N PRO D 210 -22.67 -2.54 -23.01
CA PRO D 210 -21.37 -1.93 -22.73
C PRO D 210 -20.92 -2.09 -21.26
N ALA D 211 -19.81 -1.43 -20.86
CA ALA D 211 -19.20 -1.46 -19.51
C ALA D 211 -20.20 -1.06 -18.43
N GLU D 212 -21.00 -0.01 -18.64
CA GLU D 212 -21.99 0.47 -17.63
C GLU D 212 -22.65 -0.77 -17.01
N ILE D 213 -22.32 -1.06 -15.74
CA ILE D 213 -23.04 -2.08 -14.92
C ILE D 213 -23.11 -1.60 -13.47
N THR D 214 -24.16 -1.99 -12.75
CA THR D 214 -24.18 -1.90 -11.26
C THR D 214 -24.33 -3.30 -10.67
N LEU D 215 -23.27 -3.71 -9.94
CA LEU D 215 -23.16 -4.92 -9.08
C LEU D 215 -23.42 -4.52 -7.62
N THR D 216 -24.47 -5.07 -7.02
CA THR D 216 -24.94 -4.72 -5.66
C THR D 216 -25.07 -6.00 -4.85
N TRP D 217 -24.56 -6.02 -3.61
CA TRP D 217 -24.85 -7.03 -2.56
C TRP D 217 -25.84 -6.47 -1.55
N GLN D 218 -26.75 -7.32 -1.09
CA GLN D 218 -27.81 -7.00 -0.11
C GLN D 218 -27.78 -8.07 1.00
N ARG D 219 -28.33 -7.76 2.17
CA ARG D 219 -28.53 -8.73 3.28
C ARG D 219 -29.82 -8.40 4.00
N ASP D 220 -30.84 -9.27 3.85
CA ASP D 220 -32.22 -9.10 4.41
C ASP D 220 -32.87 -7.82 3.83
N GLY D 221 -32.58 -7.47 2.57
CA GLY D 221 -33.14 -6.26 1.92
C GLY D 221 -32.25 -5.03 2.05
N GLU D 222 -31.21 -5.04 2.90
CA GLU D 222 -30.32 -3.86 3.20
C GLU D 222 -28.99 -3.98 2.41
N ASP D 223 -28.68 -2.98 1.57
CA ASP D 223 -27.47 -2.97 0.70
C ASP D 223 -26.23 -2.99 1.61
N GLN D 224 -25.34 -3.98 1.44
CA GLN D 224 -24.17 -4.24 2.32
C GLN D 224 -22.89 -3.85 1.57
N THR D 225 -22.06 -3.02 2.18
CA THR D 225 -20.70 -2.62 1.72
C THR D 225 -19.68 -3.15 2.74
N GLN D 226 -20.00 -3.05 4.03
CA GLN D 226 -19.08 -3.32 5.15
C GLN D 226 -17.99 -4.32 4.72
N ASP D 227 -18.35 -5.56 4.36
CA ASP D 227 -17.37 -6.69 4.19
C ASP D 227 -17.47 -7.26 2.76
N THR D 228 -17.41 -6.36 1.77
CA THR D 228 -17.52 -6.64 0.31
C THR D 228 -16.14 -6.58 -0.35
N GLU D 229 -16.10 -6.70 -1.67
CA GLU D 229 -14.88 -6.51 -2.50
C GLU D 229 -15.29 -6.53 -3.95
N LEU D 230 -15.52 -5.35 -4.55
CA LEU D 230 -15.82 -5.10 -6.00
C LEU D 230 -14.49 -4.97 -6.76
N VAL D 231 -14.30 -5.67 -7.88
CA VAL D 231 -13.17 -5.37 -8.81
C VAL D 231 -13.64 -4.35 -9.85
N GLU D 232 -12.69 -3.68 -10.51
CA GLU D 232 -12.95 -2.83 -11.70
C GLU D 232 -13.48 -3.67 -12.88
N THR D 233 -14.34 -3.06 -13.68
CA THR D 233 -14.90 -3.57 -14.94
C THR D 233 -13.78 -3.69 -15.95
N ARG D 234 -13.40 -4.92 -16.31
CA ARG D 234 -12.18 -5.27 -17.08
C ARG D 234 -12.62 -5.83 -18.41
N PRO D 235 -11.81 -5.75 -19.48
CA PRO D 235 -12.17 -6.36 -20.77
C PRO D 235 -11.69 -7.79 -20.96
N ALA D 236 -12.54 -8.63 -21.56
CA ALA D 236 -12.23 -10.04 -21.88
C ALA D 236 -11.32 -10.11 -23.14
N GLY D 237 -11.46 -9.12 -24.06
CA GLY D 237 -10.65 -9.04 -25.30
C GLY D 237 -11.52 -9.12 -26.57
N ASP D 238 -12.77 -9.56 -26.45
CA ASP D 238 -13.57 -10.00 -27.63
C ASP D 238 -14.74 -8.99 -27.84
N GLY D 239 -14.56 -7.77 -27.35
CA GLY D 239 -15.56 -6.69 -27.39
C GLY D 239 -16.58 -6.83 -26.27
N THR D 240 -16.39 -7.74 -25.31
CA THR D 240 -17.28 -7.90 -24.11
C THR D 240 -16.43 -7.55 -22.89
N PHE D 241 -17.06 -7.21 -21.75
CA PHE D 241 -16.38 -6.94 -20.45
C PHE D 241 -16.84 -7.98 -19.39
N GLN D 242 -16.26 -7.86 -18.17
CA GLN D 242 -16.44 -8.76 -17.01
C GLN D 242 -16.41 -7.93 -15.73
N LYS D 243 -17.16 -8.36 -14.70
CA LYS D 243 -17.11 -7.79 -13.32
C LYS D 243 -17.38 -8.90 -12.29
N TRP D 244 -16.87 -8.74 -11.06
CA TRP D 244 -17.40 -9.49 -9.88
C TRP D 244 -17.37 -8.61 -8.65
N ALA D 245 -18.39 -8.78 -7.80
CA ALA D 245 -18.40 -8.42 -6.36
C ALA D 245 -18.48 -9.72 -5.54
N ALA D 246 -17.95 -9.65 -4.32
CA ALA D 246 -17.91 -10.75 -3.34
C ALA D 246 -18.24 -10.19 -1.95
N VAL D 247 -18.70 -11.05 -1.04
CA VAL D 247 -18.84 -10.75 0.41
C VAL D 247 -18.21 -11.89 1.19
N VAL D 248 -17.62 -11.58 2.35
CA VAL D 248 -17.22 -12.60 3.36
C VAL D 248 -18.37 -12.76 4.35
N VAL D 249 -18.91 -13.97 4.49
CA VAL D 249 -20.14 -14.25 5.30
C VAL D 249 -19.77 -15.23 6.40
N PRO D 250 -20.46 -15.17 7.56
CA PRO D 250 -20.51 -16.31 8.48
C PRO D 250 -21.09 -17.57 7.82
N SER D 251 -20.42 -18.71 8.01
CA SER D 251 -20.85 -20.04 7.52
C SER D 251 -22.28 -20.31 7.99
N GLY D 252 -23.17 -20.66 7.06
CA GLY D 252 -24.59 -21.00 7.33
C GLY D 252 -25.52 -19.80 7.13
N GLN D 253 -25.00 -18.58 7.28
CA GLN D 253 -25.80 -17.32 7.19
C GLN D 253 -26.05 -16.96 5.72
N GLU D 254 -25.64 -17.84 4.80
CA GLU D 254 -25.38 -17.50 3.37
C GLU D 254 -26.71 -17.36 2.63
N GLN D 255 -27.76 -18.04 3.11
CA GLN D 255 -29.15 -17.94 2.60
C GLN D 255 -29.60 -16.47 2.62
N ARG D 256 -29.13 -15.69 3.60
CA ARG D 256 -29.61 -14.30 3.90
C ARG D 256 -29.14 -13.30 2.83
N TYR D 257 -27.96 -13.49 2.24
CA TYR D 257 -27.33 -12.51 1.30
C TYR D 257 -27.93 -12.73 -0.09
N THR D 258 -27.86 -11.71 -0.95
CA THR D 258 -28.34 -11.70 -2.35
C THR D 258 -27.52 -10.68 -3.16
N CYS D 259 -26.91 -11.12 -4.27
CA CYS D 259 -26.23 -10.23 -5.24
C CYS D 259 -27.24 -9.75 -6.27
N HIS D 260 -27.13 -8.48 -6.68
CA HIS D 260 -28.10 -7.73 -7.54
C HIS D 260 -27.36 -7.06 -8.69
N VAL D 261 -27.89 -7.21 -9.88
CA VAL D 261 -27.20 -6.93 -11.17
C VAL D 261 -28.14 -6.09 -12.04
N GLN D 262 -27.72 -4.88 -12.40
CA GLN D 262 -28.46 -3.99 -13.32
C GLN D 262 -27.54 -3.59 -14.49
N HIS D 263 -28.03 -3.71 -15.72
CA HIS D 263 -27.31 -3.43 -16.99
C HIS D 263 -28.37 -3.04 -18.01
N GLU D 264 -28.03 -2.37 -19.12
CA GLU D 264 -29.06 -1.80 -20.04
C GLU D 264 -29.59 -2.89 -20.99
N GLY D 265 -28.93 -4.05 -21.06
CA GLY D 265 -29.41 -5.23 -21.81
C GLY D 265 -30.37 -6.09 -21.00
N LEU D 266 -30.65 -5.69 -19.75
CA LEU D 266 -31.46 -6.43 -18.77
C LEU D 266 -32.79 -5.73 -18.58
N PRO D 267 -33.92 -6.33 -19.02
CA PRO D 267 -35.22 -5.68 -18.92
C PRO D 267 -35.66 -5.47 -17.46
N LYS D 268 -35.08 -6.25 -16.53
CA LYS D 268 -35.29 -6.13 -15.05
C LYS D 268 -34.05 -6.68 -14.35
N PRO D 269 -33.76 -6.28 -13.10
CA PRO D 269 -32.53 -6.73 -12.44
C PRO D 269 -32.48 -8.27 -12.35
N LEU D 270 -31.27 -8.85 -12.31
CA LEU D 270 -31.03 -10.23 -11.82
C LEU D 270 -30.78 -10.18 -10.31
N THR D 271 -31.38 -11.09 -9.56
CA THR D 271 -30.98 -11.46 -8.18
C THR D 271 -30.36 -12.85 -8.21
N LEU D 272 -29.28 -13.04 -7.47
CA LEU D 272 -28.63 -14.35 -7.25
C LEU D 272 -28.52 -14.58 -5.74
N ARG D 273 -28.65 -15.84 -5.32
CA ARG D 273 -28.52 -16.32 -3.91
C ARG D 273 -27.87 -17.71 -3.91
N TRP D 274 -27.40 -18.19 -2.75
CA TRP D 274 -26.61 -19.45 -2.68
C TRP D 274 -27.49 -20.72 -2.56
N GLU D 275 -28.81 -20.60 -2.34
CA GLU D 275 -29.75 -21.77 -2.21
C GLU D 275 -29.21 -22.94 -3.04
N MET E 1 6.05 15.64 -9.62
CA MET E 1 5.08 14.87 -10.49
C MET E 1 4.16 14.02 -9.60
N ILE E 2 2.99 13.66 -10.16
CA ILE E 2 2.09 12.56 -9.66
C ILE E 2 2.66 11.21 -10.12
N GLN E 3 2.78 10.28 -9.19
CA GLN E 3 3.05 8.84 -9.45
C GLN E 3 1.90 8.01 -8.84
N ARG E 4 1.32 7.12 -9.63
CA ARG E 4 0.26 6.17 -9.22
C ARG E 4 0.73 4.78 -9.62
N THR E 5 0.56 3.81 -8.73
CA THR E 5 0.98 2.39 -8.93
C THR E 5 -0.10 1.62 -9.66
N PRO E 6 0.27 0.72 -10.58
CA PRO E 6 -0.69 -0.17 -11.21
C PRO E 6 -1.54 -0.90 -10.17
N LYS E 7 -2.81 -1.03 -10.44
CA LYS E 7 -3.60 -2.19 -9.98
C LYS E 7 -3.39 -3.26 -11.04
N ILE E 8 -3.56 -4.54 -10.70
CA ILE E 8 -3.44 -5.67 -11.67
C ILE E 8 -4.71 -6.55 -11.58
N GLN E 9 -5.09 -7.23 -12.66
CA GLN E 9 -6.07 -8.36 -12.62
C GLN E 9 -5.66 -9.39 -13.67
N VAL E 10 -5.43 -10.63 -13.24
CA VAL E 10 -5.12 -11.76 -14.13
C VAL E 10 -6.35 -12.67 -14.18
N TYR E 11 -6.77 -12.98 -15.37
CA TYR E 11 -8.07 -13.62 -15.64
C TYR E 11 -8.07 -14.12 -17.06
N SER E 12 -8.93 -15.10 -17.33
CA SER E 12 -9.11 -15.72 -18.65
C SER E 12 -10.37 -15.18 -19.30
N ARG E 13 -10.39 -15.08 -20.63
CA ARG E 13 -11.54 -14.55 -21.41
C ARG E 13 -12.81 -15.32 -21.04
N HIS E 14 -12.71 -16.65 -20.98
CA HIS E 14 -13.82 -17.60 -20.74
C HIS E 14 -13.62 -18.34 -19.41
N PRO E 15 -14.71 -18.76 -18.73
CA PRO E 15 -14.59 -19.67 -17.60
C PRO E 15 -13.73 -20.88 -17.97
N ALA E 16 -12.61 -21.06 -17.27
CA ALA E 16 -11.54 -22.03 -17.58
C ALA E 16 -12.03 -23.50 -17.49
N GLU E 17 -11.30 -24.40 -18.15
CA GLU E 17 -11.72 -25.78 -18.44
C GLU E 17 -10.49 -26.57 -18.91
N ASN E 18 -9.91 -27.41 -18.03
CA ASN E 18 -8.55 -28.00 -18.16
C ASN E 18 -8.43 -28.61 -19.56
N GLY E 19 -7.42 -28.18 -20.33
CA GLY E 19 -7.06 -28.74 -21.65
C GLY E 19 -7.96 -28.23 -22.76
N LYS E 20 -8.66 -27.10 -22.56
CA LYS E 20 -9.44 -26.39 -23.62
C LYS E 20 -8.83 -25.00 -23.82
N SER E 21 -8.60 -24.57 -25.07
CA SER E 21 -7.83 -23.33 -25.37
C SER E 21 -8.69 -22.11 -25.00
N ASN E 22 -8.05 -21.06 -24.51
CA ASN E 22 -8.69 -19.88 -23.89
C ASN E 22 -7.77 -18.68 -24.16
N PHE E 23 -8.00 -17.55 -23.54
CA PHE E 23 -7.08 -16.39 -23.57
C PHE E 23 -6.76 -16.01 -22.14
N LEU E 24 -5.48 -15.91 -21.83
CA LEU E 24 -4.99 -15.40 -20.53
C LEU E 24 -4.77 -13.90 -20.67
N ASN E 25 -5.44 -13.13 -19.81
CA ASN E 25 -5.50 -11.64 -19.87
C ASN E 25 -4.79 -11.11 -18.64
N CYS E 26 -4.06 -10.02 -18.76
CA CYS E 26 -3.43 -9.33 -17.59
C CYS E 26 -3.64 -7.84 -17.67
N TYR E 27 -4.75 -7.34 -17.09
CA TYR E 27 -5.21 -5.93 -17.13
C TYR E 27 -4.53 -5.14 -16.01
N VAL E 28 -3.46 -4.38 -16.33
CA VAL E 28 -2.86 -3.29 -15.50
C VAL E 28 -3.60 -1.98 -15.73
N SER E 29 -3.92 -1.24 -14.68
CA SER E 29 -4.69 0.02 -14.70
C SER E 29 -4.31 0.93 -13.52
N GLY E 30 -4.89 2.14 -13.47
CA GLY E 30 -4.76 3.13 -12.38
C GLY E 30 -3.37 3.73 -12.25
N PHE E 31 -2.50 3.59 -13.26
CA PHE E 31 -1.06 3.93 -13.09
C PHE E 31 -0.71 5.21 -13.81
N HIS E 32 0.48 5.76 -13.46
CA HIS E 32 1.05 7.01 -14.04
C HIS E 32 2.48 7.16 -13.55
N PRO E 33 3.47 7.52 -14.40
CA PRO E 33 3.27 7.69 -15.84
C PRO E 33 3.09 6.38 -16.62
N SER E 34 2.93 6.50 -17.94
CA SER E 34 2.59 5.37 -18.85
C SER E 34 3.79 4.37 -19.00
N ASP E 35 5.03 4.80 -18.80
CA ASP E 35 6.21 3.88 -18.72
C ASP E 35 5.88 2.68 -17.79
N ILE E 36 5.51 1.52 -18.38
CA ILE E 36 5.21 0.27 -17.63
C ILE E 36 5.71 -1.00 -18.37
N GLU E 37 6.16 -1.99 -17.62
CA GLU E 37 6.77 -3.27 -18.10
C GLU E 37 5.96 -4.46 -17.54
N VAL E 38 5.41 -5.33 -18.40
CA VAL E 38 4.36 -6.35 -18.05
C VAL E 38 4.69 -7.67 -18.76
N ASP E 39 4.68 -8.80 -18.07
CA ASP E 39 4.83 -10.10 -18.78
C ASP E 39 3.76 -11.07 -18.31
N LEU E 40 3.36 -12.00 -19.19
CA LEU E 40 2.71 -13.29 -18.83
C LEU E 40 3.81 -14.40 -18.67
N LEU E 41 3.76 -15.11 -17.54
CA LEU E 41 4.69 -16.21 -17.15
C LEU E 41 3.94 -17.54 -17.20
N LYS E 42 4.60 -18.57 -17.72
CA LYS E 42 4.20 -20.00 -17.62
C LYS E 42 5.24 -20.73 -16.76
N ASN E 43 4.76 -21.39 -15.69
CA ASN E 43 5.61 -21.94 -14.61
C ASN E 43 6.84 -21.07 -14.43
N GLY E 44 6.69 -19.75 -14.53
CA GLY E 44 7.69 -18.73 -14.16
C GLY E 44 8.59 -18.27 -15.33
N GLU E 45 8.57 -18.94 -16.50
CA GLU E 45 9.33 -18.48 -17.70
C GLU E 45 8.44 -17.53 -18.47
N ARG E 46 9.01 -16.54 -19.16
CA ARG E 46 8.26 -15.54 -19.98
C ARG E 46 7.61 -16.24 -21.19
N ILE E 47 6.37 -15.88 -21.51
CA ILE E 47 5.69 -16.25 -22.78
C ILE E 47 5.97 -15.13 -23.79
N GLU E 48 6.44 -15.48 -24.99
CA GLU E 48 6.84 -14.51 -26.05
C GLU E 48 5.61 -14.07 -26.84
N LYS E 49 4.83 -15.04 -27.32
CA LYS E 49 3.57 -14.87 -28.11
C LYS E 49 2.57 -14.05 -27.27
N VAL E 50 2.73 -12.73 -27.18
CA VAL E 50 2.02 -11.86 -26.18
C VAL E 50 1.82 -10.48 -26.79
N GLU E 51 0.57 -10.07 -27.04
CA GLU E 51 0.20 -8.73 -27.57
C GLU E 51 -0.30 -7.84 -26.44
N HIS E 52 -0.75 -6.62 -26.79
CA HIS E 52 -1.35 -5.64 -25.86
C HIS E 52 -2.21 -4.64 -26.62
N SER E 53 -3.24 -4.10 -25.98
CA SER E 53 -4.11 -3.06 -26.61
C SER E 53 -3.33 -1.75 -26.62
N ASP E 54 -3.98 -0.70 -27.07
CA ASP E 54 -3.37 0.64 -27.26
C ASP E 54 -3.55 1.41 -25.95
N LEU E 55 -2.56 2.24 -25.60
CA LEU E 55 -2.63 3.12 -24.40
C LEU E 55 -3.89 3.96 -24.49
N SER E 56 -4.67 4.01 -23.43
CA SER E 56 -5.80 4.96 -23.25
C SER E 56 -5.81 5.30 -21.78
N PHE E 57 -6.74 6.15 -21.30
CA PHE E 57 -6.79 6.51 -19.87
C PHE E 57 -8.20 6.89 -19.44
N SER E 58 -8.36 6.88 -18.12
CA SER E 58 -9.63 6.90 -17.35
C SER E 58 -9.95 8.32 -16.87
N LYS E 59 -11.12 8.48 -16.21
CA LYS E 59 -11.77 9.79 -15.91
C LYS E 59 -10.85 10.68 -15.07
N ASP E 60 -9.79 10.10 -14.49
CA ASP E 60 -8.89 10.75 -13.50
C ASP E 60 -7.46 10.73 -14.06
N TRP E 61 -7.32 10.52 -15.38
CA TRP E 61 -6.04 10.68 -16.15
C TRP E 61 -5.11 9.47 -15.98
N SER E 62 -5.48 8.47 -15.19
CA SER E 62 -4.65 7.25 -14.96
C SER E 62 -4.75 6.38 -16.21
N PHE E 63 -3.69 5.64 -16.54
CA PHE E 63 -3.56 4.79 -17.75
C PHE E 63 -4.04 3.37 -17.48
N TYR E 64 -4.21 2.61 -18.55
CA TYR E 64 -4.60 1.18 -18.50
C TYR E 64 -4.33 0.55 -19.86
N LEU E 65 -3.87 -0.70 -19.86
CA LEU E 65 -3.60 -1.52 -21.07
C LEU E 65 -4.24 -2.88 -20.83
N LEU E 66 -4.39 -3.71 -21.85
CA LEU E 66 -4.55 -5.19 -21.66
C LEU E 66 -3.40 -5.92 -22.34
N TYR E 67 -2.65 -6.77 -21.63
CA TYR E 67 -1.75 -7.78 -22.24
C TYR E 67 -2.47 -9.13 -22.19
N TYR E 68 -2.37 -9.91 -23.26
CA TYR E 68 -3.12 -11.16 -23.46
C TYR E 68 -2.32 -12.08 -24.34
N THR E 69 -2.60 -13.37 -24.23
CA THR E 69 -2.06 -14.44 -25.10
C THR E 69 -3.10 -15.57 -25.15
N GLU E 70 -3.09 -16.36 -26.21
CA GLU E 70 -3.76 -17.66 -26.25
C GLU E 70 -3.03 -18.54 -25.24
N PHE E 71 -3.74 -19.45 -24.60
CA PHE E 71 -3.18 -20.53 -23.76
C PHE E 71 -4.29 -21.56 -23.52
N THR E 72 -3.90 -22.82 -23.34
CA THR E 72 -4.79 -23.96 -23.03
C THR E 72 -4.56 -24.32 -21.57
N PRO E 73 -5.41 -23.83 -20.63
CA PRO E 73 -5.17 -24.09 -19.22
C PRO E 73 -5.17 -25.60 -18.92
N THR E 74 -4.43 -25.99 -17.88
CA THR E 74 -4.21 -27.41 -17.46
C THR E 74 -3.93 -27.44 -15.97
N GLU E 75 -4.17 -28.60 -15.35
CA GLU E 75 -4.20 -28.75 -13.88
C GLU E 75 -2.84 -28.35 -13.32
N LYS E 76 -1.76 -28.95 -13.87
CA LYS E 76 -0.37 -28.81 -13.37
C LYS E 76 0.13 -27.37 -13.57
N ASP E 77 0.06 -26.87 -14.80
CA ASP E 77 0.77 -25.64 -15.27
C ASP E 77 0.30 -24.45 -14.43
N GLU E 78 1.14 -23.40 -14.32
CA GLU E 78 0.95 -22.27 -13.37
C GLU E 78 1.27 -20.97 -14.10
N TYR E 79 0.37 -20.00 -13.98
CA TYR E 79 0.40 -18.78 -14.81
C TYR E 79 0.29 -17.54 -13.92
N ALA E 80 1.10 -16.54 -14.24
CA ALA E 80 1.25 -15.30 -13.44
C ALA E 80 1.60 -14.11 -14.35
N CYS E 81 1.54 -12.91 -13.77
CA CYS E 81 1.69 -11.63 -14.50
C CYS E 81 2.71 -10.84 -13.72
N ARG E 82 3.93 -10.70 -14.25
CA ARG E 82 4.97 -9.79 -13.68
C ARG E 82 4.73 -8.41 -14.24
N VAL E 83 4.66 -7.39 -13.39
CA VAL E 83 4.52 -5.95 -13.78
C VAL E 83 5.58 -5.14 -13.02
N ASN E 84 6.47 -4.42 -13.75
CA ASN E 84 7.33 -3.38 -13.16
C ASN E 84 6.86 -1.99 -13.55
N HIS E 85 7.13 -1.03 -12.65
CA HIS E 85 6.70 0.39 -12.80
C HIS E 85 7.53 1.25 -11.85
N VAL E 86 7.89 2.45 -12.26
CA VAL E 86 8.75 3.40 -11.50
C VAL E 86 8.28 3.50 -10.06
N THR E 87 7.02 3.24 -9.77
CA THR E 87 6.47 3.41 -8.40
C THR E 87 6.75 2.18 -7.54
N LEU E 88 7.43 1.19 -8.09
CA LEU E 88 7.61 -0.14 -7.45
C LEU E 88 9.10 -0.32 -7.21
N SER E 89 9.45 -0.88 -6.06
CA SER E 89 10.80 -1.33 -5.72
C SER E 89 11.19 -2.52 -6.61
N GLN E 90 10.25 -3.44 -6.86
CA GLN E 90 10.54 -4.63 -7.68
C GLN E 90 9.25 -5.07 -8.31
N PRO E 91 9.31 -5.99 -9.28
CA PRO E 91 8.10 -6.49 -9.95
C PRO E 91 7.07 -7.02 -8.95
N LYS E 92 5.79 -6.81 -9.25
CA LYS E 92 4.65 -7.55 -8.64
C LYS E 92 4.38 -8.81 -9.49
N ILE E 93 4.09 -9.92 -8.85
CA ILE E 93 3.79 -11.20 -9.54
C ILE E 93 2.40 -11.65 -9.09
N VAL E 94 1.36 -11.31 -9.85
CA VAL E 94 -0.02 -11.76 -9.52
C VAL E 94 -0.33 -13.05 -10.30
N LYS E 95 -0.54 -14.14 -9.55
CA LYS E 95 -0.72 -15.52 -10.05
C LYS E 95 -2.16 -15.67 -10.54
N TRP E 96 -2.34 -16.46 -11.58
CA TRP E 96 -3.68 -16.68 -12.18
C TRP E 96 -4.48 -17.58 -11.27
N ASP E 97 -5.66 -17.15 -10.86
CA ASP E 97 -6.60 -17.96 -10.06
C ASP E 97 -7.93 -18.01 -10.83
N ARG E 98 -8.27 -19.20 -11.34
CA ARG E 98 -9.67 -19.54 -11.67
C ARG E 98 -10.54 -19.03 -10.52
N ASP E 99 -11.63 -18.32 -10.83
CA ASP E 99 -12.65 -17.79 -9.88
C ASP E 99 -12.16 -16.47 -9.25
N MET E 100 -11.35 -15.71 -9.98
CA MET E 100 -10.85 -14.40 -9.54
C MET E 100 -10.32 -13.66 -10.76
N LEU F 1 -14.59 11.39 -36.50
CA LEU F 1 -13.80 12.51 -37.18
C LEU F 1 -13.00 13.28 -36.10
N LEU F 2 -11.69 13.26 -36.24
CA LEU F 2 -10.76 14.06 -35.40
C LEU F 2 -11.10 15.55 -35.48
N GLY F 3 -10.84 16.28 -34.39
CA GLY F 3 -10.94 17.75 -34.35
C GLY F 3 -9.99 18.43 -35.34
N TRP F 4 -10.07 19.77 -35.46
CA TRP F 4 -9.19 20.60 -36.32
C TRP F 4 -8.75 21.90 -35.59
N VAL F 5 -9.14 22.09 -34.34
CA VAL F 5 -8.78 23.32 -33.59
C VAL F 5 -7.39 23.15 -32.93
N PHE F 6 -6.32 23.62 -33.56
CA PHE F 6 -4.91 23.36 -33.10
C PHE F 6 -4.31 24.62 -32.48
N ALA F 7 -5.05 25.33 -31.62
CA ALA F 7 -4.50 26.25 -30.61
C ALA F 7 -3.54 25.47 -29.70
N GLN F 8 -3.01 26.12 -28.66
CA GLN F 8 -1.61 26.03 -28.15
C GLN F 8 -1.51 26.64 -26.75
N VAL F 9 -1.00 25.91 -25.77
CA VAL F 9 -1.06 26.36 -24.34
C VAL F 9 -0.22 27.63 -24.16
#